data_4MVL
#
_entry.id   4MVL
#
_cell.length_a   79.300
_cell.length_b   79.180
_cell.length_c   142.590
_cell.angle_alpha   90.000
_cell.angle_beta   90.000
_cell.angle_gamma   90.000
#
_symmetry.space_group_name_H-M   'P 21 21 21'
#
loop_
_entity.id
_entity.type
_entity.pdbx_description
1 polymer 'Neutrophil gelatinase-associated lipocalin'
2 polymer 'Beta-amyloid protein 40'
3 water water
#
loop_
_entity_poly.entity_id
_entity_poly.type
_entity_poly.pdbx_seq_one_letter_code
_entity_poly.pdbx_strand_id
1 'polypeptide(L)'
;QDSTSDLIPAPPLSKVPLQQNFQDNQFHGKWYVVGAAGNVLLREDKDPLKMYATIYELKEDKSYNVTSVGFDDKKCLYKI
RTFVPGSQPGEFTLGRIKSEPGGTSWLVRVVSTNYNQHAMVFFKEVAQNRETFNITLYGRTKELTSELKENFIRFSKSLG
LPENHIVFPVPIDQCIDGSAWSHPQFEK
;
A,B,C,D
2 'polypeptide(L)' DAEFRHDSGYEVHHQKLVFFAEDVGSNKGAIIGLMVGGVV E,F,G,H
#
# COMPACT_ATOMS: atom_id res chain seq x y z
N SER A 5 -35.81 -8.51 -26.46
CA SER A 5 -36.69 -9.38 -25.63
C SER A 5 -36.83 -8.86 -24.20
N ASP A 6 -35.71 -8.38 -23.63
CA ASP A 6 -35.68 -7.86 -22.26
C ASP A 6 -34.52 -6.91 -22.03
N LEU A 7 -33.36 -7.23 -22.61
CA LEU A 7 -32.10 -6.59 -22.23
C LEU A 7 -31.23 -6.09 -23.40
N ILE A 8 -30.29 -5.22 -23.06
CA ILE A 8 -29.28 -4.72 -23.98
C ILE A 8 -28.06 -5.65 -23.90
N PRO A 9 -27.50 -6.03 -25.07
CA PRO A 9 -26.27 -6.84 -25.10
C PRO A 9 -25.14 -6.19 -24.31
N ALA A 10 -24.41 -7.00 -23.54
CA ALA A 10 -23.24 -6.54 -22.80
C ALA A 10 -22.13 -6.11 -23.75
N PRO A 11 -21.66 -4.84 -23.61
CA PRO A 11 -20.61 -4.28 -24.45
C PRO A 11 -19.27 -5.02 -24.27
N PRO A 12 -18.44 -5.05 -25.34
CA PRO A 12 -17.13 -5.68 -25.23
C PRO A 12 -16.25 -4.98 -24.21
N LEU A 13 -15.33 -5.73 -23.60
CA LEU A 13 -14.43 -5.18 -22.57
C LEU A 13 -13.57 -4.02 -23.07
N SER A 14 -13.43 -3.93 -24.40
CA SER A 14 -12.74 -2.82 -25.05
C SER A 14 -13.46 -1.49 -24.77
N LYS A 15 -14.79 -1.52 -24.79
CA LYS A 15 -15.62 -0.35 -24.47
C LYS A 15 -15.53 0.07 -22.99
N VAL A 16 -14.93 -0.79 -22.18
CA VAL A 16 -14.85 -0.58 -20.73
C VAL A 16 -13.41 -0.35 -20.28
N PRO A 17 -13.03 0.91 -20.00
CA PRO A 17 -11.68 1.22 -19.52
C PRO A 17 -11.41 0.74 -18.08
N LEU A 18 -10.15 0.78 -17.69
CA LEU A 18 -9.73 0.39 -16.35
C LEU A 18 -8.90 1.49 -15.72
N GLN A 19 -9.16 1.77 -14.44
CA GLN A 19 -8.37 2.75 -13.68
C GLN A 19 -6.90 2.34 -13.66
N GLN A 20 -6.08 3.12 -14.37
CA GLN A 20 -4.65 2.84 -14.49
C GLN A 20 -3.98 2.93 -13.13
N ASN A 21 -3.08 1.98 -12.86
CA ASN A 21 -2.38 1.87 -11.59
C ASN A 21 -3.31 1.93 -10.37
N PHE A 22 -4.29 1.03 -10.36
CA PHE A 22 -5.26 0.92 -9.28
C PHE A 22 -4.62 0.68 -7.91
N GLN A 23 -5.07 1.46 -6.93
CA GLN A 23 -4.52 1.45 -5.57
C GLN A 23 -5.49 0.83 -4.57
N ASP A 24 -5.18 -0.40 -4.17
CA ASP A 24 -5.97 -1.20 -3.24
C ASP A 24 -6.41 -0.43 -2.00
N ASN A 25 -5.45 -0.10 -1.16
CA ASN A 25 -5.70 0.47 0.17
C ASN A 25 -6.35 1.87 0.21
N GLN A 26 -6.58 2.46 -0.97
CA GLN A 26 -7.19 3.79 -1.07
C GLN A 26 -8.61 3.75 -1.63
N PHE A 27 -8.98 2.62 -2.25
CA PHE A 27 -10.35 2.38 -2.72
C PHE A 27 -11.15 1.73 -1.59
N HIS A 28 -10.41 1.16 -0.64
CA HIS A 28 -10.94 0.61 0.61
C HIS A 28 -11.87 1.58 1.28
N GLY A 29 -12.84 1.03 2.03
CA GLY A 29 -13.77 1.85 2.77
C GLY A 29 -15.17 1.89 2.20
N LYS A 30 -15.93 2.89 2.62
CA LYS A 30 -17.36 2.97 2.33
C LYS A 30 -17.63 3.81 1.10
N TRP A 31 -18.49 3.29 0.22
CA TRP A 31 -18.98 4.02 -0.95
C TRP A 31 -20.48 3.94 -0.99
N TYR A 32 -21.13 5.10 -1.15
CA TYR A 32 -22.58 5.16 -1.32
C TYR A 32 -22.94 4.89 -2.77
N VAL A 33 -24.01 4.13 -2.97
CA VAL A 33 -24.54 3.92 -4.31
C VAL A 33 -25.47 5.10 -4.64
N VAL A 34 -24.95 6.03 -5.42
CA VAL A 34 -25.64 7.27 -5.74
C VAL A 34 -26.22 7.23 -7.16
N GLY A 35 -25.84 6.21 -7.92
CA GLY A 35 -26.31 6.02 -9.30
C GLY A 35 -26.17 4.59 -9.78
N ALA A 36 -27.08 4.15 -10.65
CA ALA A 36 -27.06 2.81 -11.22
C ALA A 36 -27.71 2.74 -12.61
N ALA A 37 -26.97 2.20 -13.57
CA ALA A 37 -27.46 1.96 -14.91
C ALA A 37 -27.21 0.52 -15.31
N GLY A 38 -28.25 -0.19 -15.73
CA GLY A 38 -28.14 -1.59 -16.12
C GLY A 38 -29.05 -1.98 -17.27
N ASN A 39 -28.73 -3.06 -17.97
CA ASN A 39 -29.55 -3.57 -19.07
C ASN A 39 -30.83 -4.23 -18.60
N VAL A 40 -30.82 -4.70 -17.35
CA VAL A 40 -32.04 -5.18 -16.70
C VAL A 40 -32.84 -3.99 -16.17
N LEU A 41 -34.10 -3.89 -16.60
CA LEU A 41 -34.98 -2.80 -16.20
C LEU A 41 -35.62 -3.11 -14.84
N LEU A 42 -36.53 -2.24 -14.40
CA LEU A 42 -37.06 -2.27 -13.04
C LEU A 42 -38.55 -2.61 -12.98
N ARG A 43 -39.05 -2.80 -11.77
CA ARG A 43 -40.48 -2.95 -11.52
C ARG A 43 -41.17 -1.58 -11.51
N GLU A 44 -40.46 -0.58 -11.01
CA GLU A 44 -41.00 0.77 -10.74
C GLU A 44 -42.10 0.76 -9.66
N ASP A 45 -42.13 -0.32 -8.86
CA ASP A 45 -43.08 -0.45 -7.76
C ASP A 45 -42.70 0.48 -6.61
N LYS A 46 -43.69 1.18 -6.07
CA LYS A 46 -43.49 2.29 -5.12
C LYS A 46 -42.95 3.52 -5.85
N ASP A 47 -41.94 3.29 -6.69
CA ASP A 47 -41.27 4.28 -7.56
C ASP A 47 -39.83 4.65 -7.13
N PRO A 48 -39.62 5.04 -5.85
CA PRO A 48 -38.24 5.38 -5.49
C PRO A 48 -37.40 4.21 -4.96
N LEU A 49 -36.22 4.03 -5.53
CA LEU A 49 -35.26 3.07 -5.04
C LEU A 49 -34.38 3.75 -3.99
N LYS A 50 -34.31 3.16 -2.80
CA LYS A 50 -33.51 3.70 -1.70
C LYS A 50 -32.02 3.61 -2.02
N MET A 51 -31.25 4.53 -1.44
CA MET A 51 -29.80 4.51 -1.56
C MET A 51 -29.21 3.48 -0.60
N TYR A 52 -28.14 2.81 -1.04
CA TYR A 52 -27.43 1.86 -0.18
C TYR A 52 -25.90 2.04 -0.20
N ALA A 53 -25.23 1.55 0.83
CA ALA A 53 -23.79 1.69 0.97
C ALA A 53 -23.07 0.36 0.78
N THR A 54 -21.83 0.43 0.30
CA THR A 54 -21.00 -0.76 0.12
C THR A 54 -19.59 -0.56 0.69
N ILE A 55 -19.26 -1.35 1.70
CA ILE A 55 -17.96 -1.22 2.37
C ILE A 55 -16.95 -2.23 1.84
N TYR A 56 -15.93 -1.72 1.14
CA TYR A 56 -14.84 -2.54 0.66
C TYR A 56 -13.76 -2.65 1.73
N GLU A 57 -13.53 -3.87 2.21
CA GLU A 57 -12.55 -4.14 3.25
C GLU A 57 -11.43 -5.01 2.68
N LEU A 58 -10.25 -4.42 2.55
CA LEU A 58 -9.10 -5.11 1.98
C LEU A 58 -8.46 -6.10 2.97
N LYS A 59 -8.32 -7.35 2.52
CA LYS A 59 -7.69 -8.41 3.31
C LYS A 59 -6.26 -8.65 2.83
N GLU A 60 -5.51 -9.43 3.60
CA GLU A 60 -4.09 -9.73 3.33
C GLU A 60 -3.84 -10.35 1.95
N ASP A 61 -4.78 -11.17 1.50
CA ASP A 61 -4.68 -11.90 0.24
C ASP A 61 -5.15 -11.08 -0.97
N LYS A 62 -5.35 -9.78 -0.72
CA LYS A 62 -5.70 -8.79 -1.77
C LYS A 62 -7.14 -8.86 -2.26
N SER A 63 -7.93 -9.76 -1.67
CA SER A 63 -9.37 -9.82 -1.93
C SER A 63 -10.10 -8.80 -1.06
N TYR A 64 -11.33 -8.47 -1.44
CA TYR A 64 -12.14 -7.53 -0.70
C TYR A 64 -13.27 -8.24 0.00
N ASN A 65 -13.39 -8.01 1.31
CA ASN A 65 -14.60 -8.37 2.04
C ASN A 65 -15.61 -7.25 1.80
N VAL A 66 -16.68 -7.57 1.07
CA VAL A 66 -17.63 -6.57 0.57
C VAL A 66 -18.98 -6.64 1.30
N THR A 67 -19.21 -5.69 2.19
CA THR A 67 -20.45 -5.63 2.98
C THR A 67 -21.34 -4.48 2.49
N SER A 68 -22.53 -4.82 1.98
CA SER A 68 -23.49 -3.83 1.51
C SER A 68 -24.60 -3.60 2.52
N VAL A 69 -24.81 -2.33 2.88
CA VAL A 69 -25.85 -1.96 3.84
C VAL A 69 -27.04 -1.32 3.13
N GLY A 70 -28.20 -1.93 3.31
CA GLY A 70 -29.45 -1.41 2.78
C GLY A 70 -30.54 -1.35 3.83
N PHE A 71 -31.65 -0.70 3.48
CA PHE A 71 -32.82 -0.65 4.33
C PHE A 71 -34.08 -1.08 3.58
N ASP A 72 -34.83 -2.00 4.19
CA ASP A 72 -36.10 -2.49 3.65
C ASP A 72 -36.93 -3.26 4.69
N ASP A 73 -38.24 -3.02 4.67
CA ASP A 73 -39.20 -3.72 5.55
C ASP A 73 -38.95 -3.51 7.04
N LYS A 74 -38.53 -2.31 7.42
CA LYS A 74 -38.20 -2.00 8.82
C LYS A 74 -36.95 -2.77 9.26
N LYS A 75 -36.11 -3.13 8.30
CA LYS A 75 -34.91 -3.92 8.59
C LYS A 75 -33.67 -3.40 7.85
N CYS A 76 -32.54 -3.39 8.56
CA CYS A 76 -31.24 -3.13 7.95
C CYS A 76 -30.75 -4.43 7.31
N LEU A 77 -30.40 -4.38 6.04
CA LEU A 77 -29.94 -5.57 5.32
C LEU A 77 -28.43 -5.55 5.13
N TYR A 78 -27.81 -6.72 5.34
CA TYR A 78 -26.36 -6.86 5.20
C TYR A 78 -25.99 -7.98 4.21
N LYS A 79 -25.33 -7.60 3.13
CA LYS A 79 -24.96 -8.55 2.08
C LYS A 79 -23.44 -8.71 2.01
N ILE A 80 -22.93 -9.82 2.55
CA ILE A 80 -21.49 -10.04 2.66
C ILE A 80 -21.01 -11.08 1.65
N ARG A 81 -19.92 -10.76 0.96
CA ARG A 81 -19.31 -11.63 -0.03
C ARG A 81 -17.85 -11.25 -0.24
N THR A 82 -17.18 -11.92 -1.17
CA THR A 82 -15.77 -11.71 -1.42
C THR A 82 -15.50 -11.40 -2.88
N PHE A 83 -14.67 -10.38 -3.11
CA PHE A 83 -14.22 -10.05 -4.46
C PHE A 83 -12.78 -10.52 -4.59
N VAL A 84 -12.58 -11.48 -5.48
CA VAL A 84 -11.27 -12.07 -5.71
C VAL A 84 -10.58 -11.28 -6.82
N PRO A 85 -9.30 -10.89 -6.60
CA PRO A 85 -8.55 -10.13 -7.61
C PRO A 85 -8.53 -10.83 -8.98
N GLY A 86 -8.87 -10.08 -10.02
CA GLY A 86 -8.90 -10.60 -11.39
C GLY A 86 -7.59 -10.45 -12.12
N SER A 87 -7.66 -10.45 -13.45
CA SER A 87 -6.47 -10.46 -14.31
C SER A 87 -5.62 -9.20 -14.25
N GLN A 88 -6.27 -8.04 -14.11
CA GLN A 88 -5.53 -6.79 -13.99
C GLN A 88 -5.93 -6.09 -12.70
N PRO A 89 -4.96 -5.39 -12.05
CA PRO A 89 -5.30 -4.58 -10.89
C PRO A 89 -6.46 -3.63 -11.19
N GLY A 90 -7.46 -3.64 -10.31
CA GLY A 90 -8.70 -2.89 -10.53
C GLY A 90 -9.83 -3.77 -11.05
N GLU A 91 -9.50 -5.02 -11.37
CA GLU A 91 -10.48 -6.01 -11.79
C GLU A 91 -10.68 -7.04 -10.70
N PHE A 92 -11.93 -7.47 -10.54
CA PHE A 92 -12.27 -8.46 -9.55
C PHE A 92 -13.21 -9.51 -10.11
N THR A 93 -13.16 -10.69 -9.50
CA THR A 93 -14.09 -11.75 -9.85
C THR A 93 -14.88 -12.09 -8.59
N LEU A 94 -16.00 -12.77 -8.74
CA LEU A 94 -16.75 -13.23 -7.58
C LEU A 94 -16.53 -14.72 -7.36
N GLY A 95 -15.86 -15.05 -6.27
CA GLY A 95 -15.52 -16.43 -5.95
C GLY A 95 -16.34 -16.98 -4.80
N ARG A 96 -16.09 -18.24 -4.47
CA ARG A 96 -16.79 -18.99 -3.41
C ARG A 96 -18.26 -19.26 -3.76
N ILE A 97 -18.58 -19.09 -5.04
CA ILE A 97 -19.95 -19.26 -5.55
C ILE A 97 -20.27 -20.74 -5.84
N LYS A 98 -20.97 -21.34 -4.89
CA LYS A 98 -21.38 -22.75 -4.97
C LYS A 98 -22.67 -22.94 -4.17
N SER A 99 -22.99 -24.19 -3.83
CA SER A 99 -24.20 -24.55 -3.09
C SER A 99 -25.50 -24.16 -3.81
N GLU A 100 -26.14 -23.08 -3.33
CA GLU A 100 -27.44 -22.63 -3.82
C GLU A 100 -27.40 -22.37 -5.32
N PRO A 101 -28.21 -23.13 -6.10
CA PRO A 101 -28.12 -23.21 -7.56
C PRO A 101 -28.07 -21.85 -8.27
N GLY A 102 -27.31 -21.79 -9.35
CA GLY A 102 -27.12 -20.55 -10.09
C GLY A 102 -25.66 -20.15 -10.12
N GLY A 103 -24.89 -20.84 -10.96
CA GLY A 103 -23.47 -20.55 -11.14
C GLY A 103 -23.25 -19.25 -11.86
N THR A 104 -23.44 -18.15 -11.14
CA THR A 104 -23.29 -16.81 -11.70
C THR A 104 -21.89 -16.24 -11.42
N SER A 105 -21.03 -16.30 -12.43
CA SER A 105 -19.71 -15.71 -12.34
C SER A 105 -19.78 -14.22 -12.69
N TRP A 106 -19.36 -13.37 -11.75
CA TRP A 106 -19.38 -11.93 -11.93
C TRP A 106 -18.03 -11.38 -12.29
N LEU A 107 -18.05 -10.35 -13.13
CA LEU A 107 -16.83 -9.65 -13.52
C LEU A 107 -16.91 -8.21 -13.04
N VAL A 108 -15.92 -7.81 -12.25
CA VAL A 108 -15.88 -6.47 -11.65
C VAL A 108 -14.66 -5.73 -12.20
N ARG A 109 -14.87 -4.47 -12.61
CA ARG A 109 -13.78 -3.64 -13.09
C ARG A 109 -13.97 -2.18 -12.66
N VAL A 110 -12.95 -1.63 -11.99
CA VAL A 110 -12.95 -0.21 -11.61
C VAL A 110 -12.50 0.64 -12.81
N VAL A 111 -13.45 1.41 -13.35
CA VAL A 111 -13.21 2.26 -14.53
C VAL A 111 -12.48 3.54 -14.15
N SER A 112 -12.98 4.21 -13.11
CA SER A 112 -12.45 5.50 -12.68
C SER A 112 -12.79 5.82 -11.23
N THR A 113 -11.84 6.43 -10.53
CA THR A 113 -12.06 6.83 -9.15
C THR A 113 -11.15 7.97 -8.71
N ASN A 114 -11.62 8.71 -7.71
CA ASN A 114 -10.86 9.70 -6.99
C ASN A 114 -10.15 9.12 -5.78
N TYR A 115 -10.62 7.95 -5.34
CA TYR A 115 -10.31 7.39 -4.02
C TYR A 115 -10.93 8.24 -2.91
N ASN A 116 -10.94 9.56 -3.12
CA ASN A 116 -11.39 10.53 -2.12
C ASN A 116 -12.84 10.95 -2.29
N GLN A 117 -13.34 10.90 -3.52
CA GLN A 117 -14.68 11.43 -3.81
C GLN A 117 -15.56 10.49 -4.63
N HIS A 118 -15.21 10.23 -5.88
CA HIS A 118 -16.07 9.44 -6.76
C HIS A 118 -15.41 8.17 -7.24
N ALA A 119 -16.23 7.22 -7.68
CA ALA A 119 -15.80 6.05 -8.44
C ALA A 119 -16.93 5.53 -9.34
N MET A 120 -16.56 5.06 -10.54
CA MET A 120 -17.47 4.34 -11.43
C MET A 120 -16.99 2.90 -11.63
N VAL A 121 -17.85 1.92 -11.36
CA VAL A 121 -17.46 0.51 -11.44
C VAL A 121 -18.40 -0.35 -12.31
N PHE A 122 -17.82 -0.99 -13.32
CA PHE A 122 -18.50 -1.89 -14.25
C PHE A 122 -18.72 -3.28 -13.64
N PHE A 123 -19.91 -3.84 -13.86
CA PHE A 123 -20.25 -5.19 -13.42
C PHE A 123 -20.83 -6.03 -14.56
N LYS A 124 -20.31 -7.24 -14.73
CA LYS A 124 -20.78 -8.13 -15.78
C LYS A 124 -21.11 -9.50 -15.22
N GLU A 125 -22.24 -10.05 -15.66
CA GLU A 125 -22.62 -11.41 -15.32
C GLU A 125 -22.37 -12.33 -16.51
N VAL A 126 -21.97 -13.57 -16.23
CA VAL A 126 -21.96 -14.65 -17.22
C VAL A 126 -22.73 -15.85 -16.63
N ALA A 127 -23.91 -16.10 -17.18
CA ALA A 127 -24.80 -17.17 -16.74
C ALA A 127 -25.92 -17.38 -17.76
N GLN A 128 -25.82 -18.45 -18.53
CA GLN A 128 -26.86 -18.88 -19.50
C GLN A 128 -27.07 -17.91 -20.68
N ASN A 129 -26.08 -17.88 -21.58
CA ASN A 129 -26.15 -17.15 -22.87
C ASN A 129 -26.38 -15.63 -22.83
N ARG A 130 -27.47 -15.20 -22.16
CA ARG A 130 -27.80 -13.77 -22.08
C ARG A 130 -27.23 -13.12 -20.82
N GLU A 131 -26.48 -12.04 -21.02
CA GLU A 131 -25.68 -11.46 -19.94
C GLU A 131 -26.23 -10.14 -19.39
N THR A 132 -26.35 -10.10 -18.06
CA THR A 132 -26.77 -8.90 -17.33
C THR A 132 -25.55 -8.10 -16.90
N PHE A 133 -25.62 -6.79 -17.08
CA PHE A 133 -24.55 -5.89 -16.67
C PHE A 133 -25.11 -4.59 -16.11
N ASN A 134 -24.39 -3.99 -15.17
CA ASN A 134 -24.69 -2.64 -14.71
C ASN A 134 -23.44 -1.84 -14.39
N ILE A 135 -23.55 -0.52 -14.51
CA ILE A 135 -22.51 0.39 -14.04
C ILE A 135 -23.00 1.00 -12.73
N THR A 136 -22.13 1.03 -11.73
CA THR A 136 -22.48 1.65 -10.45
C THR A 136 -21.69 2.93 -10.21
N LEU A 137 -22.40 3.98 -9.81
CA LEU A 137 -21.80 5.24 -9.45
C LEU A 137 -21.61 5.32 -7.94
N TYR A 138 -20.36 5.38 -7.51
CA TYR A 138 -20.01 5.45 -6.10
C TYR A 138 -19.59 6.85 -5.72
N GLY A 139 -19.92 7.24 -4.50
CA GLY A 139 -19.43 8.48 -3.93
C GLY A 139 -19.11 8.28 -2.46
N ARG A 140 -18.18 9.07 -1.94
CA ARG A 140 -17.85 8.98 -0.53
C ARG A 140 -18.92 9.67 0.31
N THR A 141 -19.61 10.62 -0.30
CA THR A 141 -20.81 11.21 0.29
C THR A 141 -22.04 10.79 -0.53
N LYS A 142 -23.19 11.33 -0.17
CA LYS A 142 -24.45 11.05 -0.86
C LYS A 142 -24.78 12.09 -1.93
N GLU A 143 -24.10 13.24 -1.87
CA GLU A 143 -24.35 14.34 -2.80
C GLU A 143 -24.13 13.93 -4.25
N LEU A 144 -24.92 14.49 -5.15
CA LEU A 144 -24.84 14.19 -6.57
C LEU A 144 -24.90 15.50 -7.34
N THR A 145 -23.77 15.91 -7.90
CA THR A 145 -23.71 17.11 -8.73
C THR A 145 -24.21 16.79 -10.13
N SER A 146 -24.84 17.79 -10.75
CA SER A 146 -25.20 17.73 -12.17
C SER A 146 -24.02 17.30 -13.04
N GLU A 147 -22.81 17.77 -12.69
CA GLU A 147 -21.61 17.38 -13.42
C GLU A 147 -21.32 15.89 -13.33
N LEU A 148 -21.38 15.34 -12.11
CA LEU A 148 -21.21 13.90 -11.91
C LEU A 148 -22.36 13.13 -12.55
N LYS A 149 -23.58 13.64 -12.44
CA LYS A 149 -24.75 13.06 -13.09
C LYS A 149 -24.54 12.93 -14.60
N GLU A 150 -24.28 14.06 -15.27
CA GLU A 150 -24.06 14.13 -16.72
C GLU A 150 -22.91 13.26 -17.19
N ASN A 151 -21.82 13.25 -16.43
CA ASN A 151 -20.68 12.37 -16.68
C ASN A 151 -21.14 10.90 -16.76
N PHE A 152 -21.89 10.49 -15.74
CA PHE A 152 -22.36 9.12 -15.60
C PHE A 152 -23.34 8.72 -16.70
N ILE A 153 -24.29 9.61 -16.98
CA ILE A 153 -25.29 9.42 -18.04
C ILE A 153 -24.61 9.18 -19.39
N ARG A 154 -23.66 10.05 -19.74
CA ARG A 154 -22.91 9.94 -21.00
C ARG A 154 -22.09 8.66 -21.05
N PHE A 155 -21.49 8.27 -19.93
CA PHE A 155 -20.77 7.00 -19.86
C PHE A 155 -21.68 5.81 -20.07
N SER A 156 -22.86 5.86 -19.44
CA SER A 156 -23.90 4.85 -19.63
C SER A 156 -24.30 4.74 -21.10
N LYS A 157 -24.63 5.86 -21.72
CA LYS A 157 -25.07 5.90 -23.11
C LYS A 157 -24.02 5.34 -24.08
N SER A 158 -22.74 5.63 -23.81
CA SER A 158 -21.64 5.09 -24.62
C SER A 158 -21.54 3.57 -24.52
N LEU A 159 -22.10 3.00 -23.46
CA LEU A 159 -22.20 1.55 -23.31
C LEU A 159 -23.57 1.01 -23.77
N GLY A 160 -24.33 1.88 -24.42
CA GLY A 160 -25.56 1.49 -25.12
C GLY A 160 -26.84 1.57 -24.29
N LEU A 161 -26.75 2.20 -23.12
CA LEU A 161 -27.91 2.27 -22.24
C LEU A 161 -28.74 3.55 -22.46
N PRO A 162 -30.07 3.40 -22.52
CA PRO A 162 -30.98 4.54 -22.66
C PRO A 162 -31.16 5.29 -21.34
N GLU A 163 -31.61 6.54 -21.43
CA GLU A 163 -31.87 7.39 -20.27
C GLU A 163 -32.72 6.68 -19.20
N ASN A 164 -33.78 5.99 -19.62
CA ASN A 164 -34.68 5.32 -18.68
C ASN A 164 -34.10 4.06 -18.02
N HIS A 165 -32.90 3.67 -18.44
CA HIS A 165 -32.20 2.55 -17.81
C HIS A 165 -31.19 3.00 -16.78
N ILE A 166 -31.23 4.30 -16.46
CA ILE A 166 -30.31 4.86 -15.47
C ILE A 166 -31.07 5.37 -14.24
N VAL A 167 -30.69 4.87 -13.06
CA VAL A 167 -31.37 5.20 -11.80
C VAL A 167 -30.47 5.97 -10.84
N PHE A 168 -31.02 7.00 -10.21
CA PHE A 168 -30.33 7.78 -9.18
C PHE A 168 -31.12 7.70 -7.88
N PRO A 169 -30.74 6.76 -7.00
CA PRO A 169 -31.49 6.42 -5.79
C PRO A 169 -31.61 7.56 -4.80
N VAL A 170 -32.80 7.69 -4.20
CA VAL A 170 -33.08 8.72 -3.21
C VAL A 170 -32.27 8.41 -1.95
N PRO A 171 -31.55 9.42 -1.42
CA PRO A 171 -30.75 9.26 -0.20
C PRO A 171 -31.63 8.95 1.01
N ILE A 172 -31.10 8.16 1.93
CA ILE A 172 -31.82 7.83 3.16
C ILE A 172 -30.95 8.05 4.39
N ASP A 173 -31.62 8.29 5.52
CA ASP A 173 -30.97 8.40 6.82
C ASP A 173 -31.45 7.25 7.68
N GLN A 174 -31.06 6.04 7.28
CA GLN A 174 -31.34 4.81 8.03
C GLN A 174 -30.32 3.77 7.58
N CYS A 175 -29.82 2.99 8.54
CA CYS A 175 -28.91 1.85 8.27
C CYS A 175 -27.57 2.19 7.63
N ILE A 176 -27.61 3.02 6.58
CA ILE A 176 -26.48 3.19 5.65
C ILE A 176 -25.38 4.11 6.18
N ASP A 177 -25.67 4.81 7.26
CA ASP A 177 -24.70 5.69 7.91
C ASP A 177 -24.20 5.04 9.20
N ASP B 6 14.69 12.38 12.02
CA ASP B 6 13.96 11.56 13.04
C ASP B 6 12.44 11.67 12.89
N LEU B 7 11.99 12.77 12.29
CA LEU B 7 10.56 12.98 12.01
C LEU B 7 10.13 12.06 10.87
N ILE B 8 8.80 11.92 10.70
CA ILE B 8 8.25 11.20 9.56
C ILE B 8 8.32 12.12 8.35
N PRO B 9 9.18 11.77 7.36
CA PRO B 9 9.52 12.66 6.26
C PRO B 9 8.31 13.12 5.44
N ALA B 10 8.49 14.20 4.69
CA ALA B 10 7.45 14.72 3.81
C ALA B 10 7.36 13.88 2.52
N PRO B 11 6.21 13.23 2.30
CA PRO B 11 6.03 12.33 1.16
C PRO B 11 6.16 13.08 -0.17
N PRO B 12 6.62 12.38 -1.24
CA PRO B 12 6.78 13.03 -2.54
C PRO B 12 5.46 13.53 -3.09
N LEU B 13 5.50 14.66 -3.80
CA LEU B 13 4.29 15.33 -4.32
C LEU B 13 3.49 14.50 -5.32
N SER B 14 4.01 13.30 -5.62
CA SER B 14 3.34 12.33 -6.48
C SER B 14 2.24 11.63 -5.71
N LYS B 15 2.36 11.63 -4.38
CA LYS B 15 1.35 11.04 -3.50
C LYS B 15 0.32 12.07 -3.07
N VAL B 16 0.65 13.34 -3.26
CA VAL B 16 -0.28 14.42 -2.93
C VAL B 16 -1.06 14.76 -4.21
N PRO B 17 -2.32 14.32 -4.28
CA PRO B 17 -3.09 14.63 -5.46
C PRO B 17 -3.60 16.07 -5.42
N LEU B 18 -3.95 16.59 -6.59
CA LEU B 18 -4.43 17.94 -6.76
C LEU B 18 -5.90 17.85 -7.13
N GLN B 19 -6.72 18.75 -6.57
CA GLN B 19 -8.14 18.82 -6.94
C GLN B 19 -8.24 19.30 -8.38
N GLN B 20 -8.95 18.53 -9.21
CA GLN B 20 -9.09 18.86 -10.64
C GLN B 20 -10.00 20.07 -10.85
N ASN B 21 -9.74 20.81 -11.92
CA ASN B 21 -10.51 22.00 -12.28
C ASN B 21 -10.80 22.89 -11.07
N PHE B 22 -9.78 23.14 -10.26
CA PHE B 22 -9.94 23.90 -9.02
C PHE B 22 -10.51 25.28 -9.31
N GLN B 23 -11.50 25.69 -8.51
CA GLN B 23 -12.16 26.98 -8.69
C GLN B 23 -11.93 27.91 -7.50
N ASP B 24 -11.11 28.94 -7.73
CA ASP B 24 -10.86 30.01 -6.76
C ASP B 24 -12.13 30.51 -6.08
N ASN B 25 -13.12 30.90 -6.89
CA ASN B 25 -14.29 31.62 -6.40
C ASN B 25 -15.38 30.74 -5.80
N GLN B 26 -15.03 29.48 -5.53
CA GLN B 26 -15.93 28.52 -4.89
C GLN B 26 -15.30 27.98 -3.61
N PHE B 27 -13.98 27.80 -3.63
CA PHE B 27 -13.22 27.36 -2.46
C PHE B 27 -13.14 28.45 -1.39
N HIS B 28 -13.35 29.70 -1.83
CA HIS B 28 -13.24 30.87 -0.95
C HIS B 28 -14.27 30.84 0.16
N GLY B 29 -14.06 31.67 1.18
CA GLY B 29 -14.97 31.75 2.30
C GLY B 29 -14.43 31.14 3.57
N LYS B 30 -15.35 30.81 4.47
CA LYS B 30 -15.00 30.39 5.81
C LYS B 30 -15.02 28.87 5.97
N TRP B 31 -13.88 28.31 6.37
CA TRP B 31 -13.76 26.89 6.69
C TRP B 31 -13.38 26.73 8.14
N TYR B 32 -13.93 25.72 8.79
CA TYR B 32 -13.49 25.33 10.14
C TYR B 32 -12.47 24.19 10.05
N VAL B 33 -11.48 24.23 10.93
CA VAL B 33 -10.49 23.15 11.03
C VAL B 33 -11.15 22.05 11.88
N VAL B 34 -11.71 21.07 11.19
CA VAL B 34 -12.44 19.98 11.84
C VAL B 34 -11.51 18.78 12.08
N GLY B 35 -10.37 18.79 11.39
CA GLY B 35 -9.39 17.74 11.52
C GLY B 35 -8.02 18.19 11.06
N ALA B 36 -6.99 17.63 11.68
CA ALA B 36 -5.60 17.94 11.39
C ALA B 36 -4.74 16.70 11.58
N ALA B 37 -3.76 16.53 10.68
CA ALA B 37 -2.86 15.38 10.72
C ALA B 37 -1.50 15.75 10.14
N GLY B 38 -0.50 15.86 11.01
CA GLY B 38 0.87 16.15 10.59
C GLY B 38 1.89 15.24 11.26
N ASN B 39 3.14 15.31 10.82
CA ASN B 39 4.21 14.54 11.47
C ASN B 39 4.61 15.13 12.82
N VAL B 40 4.41 16.44 12.97
CA VAL B 40 4.61 17.12 14.25
C VAL B 40 3.35 17.00 15.11
N LEU B 41 3.47 16.25 16.20
CA LEU B 41 2.37 16.11 17.15
C LEU B 41 2.40 17.25 18.18
N LEU B 42 1.29 17.40 18.89
CA LEU B 42 1.17 18.37 19.99
C LEU B 42 1.89 17.86 21.24
N ARG B 43 2.38 18.80 22.04
CA ARG B 43 3.11 18.50 23.27
C ARG B 43 2.26 17.72 24.28
N GLU B 44 0.96 18.00 24.27
CA GLU B 44 -0.02 17.43 25.20
C GLU B 44 0.19 17.88 26.65
N ASP B 45 -0.27 19.11 26.92
CA ASP B 45 -0.41 19.64 28.27
C ASP B 45 -1.90 19.87 28.50
N LYS B 46 -2.57 20.35 27.47
CA LYS B 46 -4.03 20.39 27.40
C LYS B 46 -4.51 19.27 26.47
N ASP B 47 -5.37 18.40 27.01
CA ASP B 47 -6.06 17.41 26.18
C ASP B 47 -6.99 18.05 25.14
N PRO B 48 -7.78 19.08 25.53
CA PRO B 48 -8.60 19.70 24.49
C PRO B 48 -7.83 20.66 23.59
N LEU B 49 -7.61 20.24 22.34
CA LEU B 49 -7.25 21.18 21.27
C LEU B 49 -8.53 21.82 20.75
N LYS B 50 -8.58 23.14 20.80
CA LYS B 50 -9.75 23.89 20.37
C LYS B 50 -9.79 24.08 18.86
N MET B 51 -10.99 23.92 18.29
CA MET B 51 -11.23 24.20 16.88
C MET B 51 -11.10 25.69 16.58
N TYR B 52 -10.58 26.00 15.40
CA TYR B 52 -10.52 27.38 14.91
C TYR B 52 -10.90 27.42 13.44
N ALA B 53 -11.29 28.61 12.98
CA ALA B 53 -11.75 28.79 11.59
C ALA B 53 -10.75 29.57 10.75
N THR B 54 -10.78 29.33 9.44
CA THR B 54 -9.91 30.02 8.51
C THR B 54 -10.73 30.56 7.34
N ILE B 55 -10.62 31.86 7.10
CA ILE B 55 -11.31 32.51 5.98
C ILE B 55 -10.33 32.77 4.82
N TYR B 56 -10.69 32.30 3.64
CA TYR B 56 -9.88 32.54 2.45
C TYR B 56 -10.50 33.67 1.63
N GLU B 57 -9.90 34.86 1.69
CA GLU B 57 -10.40 36.00 0.92
C GLU B 57 -9.71 36.10 -0.44
N LEU B 58 -10.45 35.79 -1.50
CA LEU B 58 -9.92 35.83 -2.85
C LEU B 58 -9.59 37.26 -3.29
N LYS B 59 -8.53 37.39 -4.09
CA LYS B 59 -8.08 38.69 -4.57
C LYS B 59 -7.93 38.67 -6.10
N GLU B 60 -7.84 39.86 -6.67
CA GLU B 60 -7.77 40.11 -8.11
C GLU B 60 -6.55 39.47 -8.80
N ASP B 61 -5.46 39.30 -8.07
CA ASP B 61 -4.23 38.69 -8.60
C ASP B 61 -4.14 37.18 -8.29
N LYS B 62 -5.30 36.55 -8.08
CA LYS B 62 -5.41 35.10 -7.89
C LYS B 62 -4.94 34.58 -6.54
N SER B 63 -4.52 35.50 -5.66
CA SER B 63 -4.03 35.14 -4.34
C SER B 63 -5.15 35.19 -3.30
N TYR B 64 -4.91 34.57 -2.15
CA TYR B 64 -5.83 34.62 -1.01
C TYR B 64 -5.27 35.42 0.17
N ASN B 65 -6.04 36.37 0.68
CA ASN B 65 -5.77 36.90 2.02
C ASN B 65 -6.34 35.91 3.02
N VAL B 66 -5.47 35.30 3.80
CA VAL B 66 -5.86 34.19 4.67
C VAL B 66 -5.91 34.59 6.15
N THR B 67 -7.11 34.55 6.72
CA THR B 67 -7.28 34.95 8.11
C THR B 67 -7.86 33.80 8.95
N SER B 68 -7.09 33.38 9.94
CA SER B 68 -7.57 32.38 10.88
C SER B 68 -8.09 33.06 12.14
N VAL B 69 -9.24 32.61 12.62
CA VAL B 69 -9.82 33.16 13.83
C VAL B 69 -9.82 32.10 14.93
N GLY B 70 -9.03 32.36 15.98
CA GLY B 70 -8.85 31.42 17.07
C GLY B 70 -9.07 32.05 18.44
N PHE B 71 -9.24 31.20 19.44
CA PHE B 71 -9.58 31.64 20.79
C PHE B 71 -8.57 31.11 21.80
N ASP B 72 -7.85 32.04 22.45
CA ASP B 72 -6.99 31.71 23.58
C ASP B 72 -6.94 32.81 24.64
N ASP B 73 -6.97 32.38 25.89
CA ASP B 73 -6.80 33.24 27.06
C ASP B 73 -7.66 34.50 27.02
N LYS B 74 -8.97 34.29 26.90
CA LYS B 74 -9.95 35.37 26.98
C LYS B 74 -9.78 36.38 25.82
N LYS B 75 -9.01 36.00 24.80
CA LYS B 75 -8.77 36.85 23.63
C LYS B 75 -9.22 36.15 22.35
N CYS B 76 -9.77 36.93 21.42
CA CYS B 76 -9.94 36.49 20.05
C CYS B 76 -8.64 36.77 19.30
N LEU B 77 -8.13 35.75 18.61
CA LEU B 77 -6.83 35.85 17.97
C LEU B 77 -6.92 35.71 16.46
N TYR B 78 -6.19 36.55 15.75
CA TYR B 78 -6.31 36.64 14.30
C TYR B 78 -4.97 36.50 13.61
N LYS B 79 -4.89 35.54 12.70
CA LYS B 79 -3.66 35.22 11.99
C LYS B 79 -3.86 35.59 10.52
N ILE B 80 -3.11 36.59 10.07
CA ILE B 80 -3.34 37.17 8.75
C ILE B 80 -2.07 37.04 7.92
N ARG B 81 -2.22 36.41 6.76
CA ARG B 81 -1.12 36.19 5.83
C ARG B 81 -1.63 35.96 4.42
N THR B 82 -0.81 36.29 3.43
CA THR B 82 -1.17 36.16 2.03
C THR B 82 -0.66 34.85 1.44
N PHE B 83 -1.55 34.13 0.75
CA PHE B 83 -1.18 32.92 -0.02
C PHE B 83 -1.08 33.27 -1.51
N VAL B 84 0.15 33.24 -2.02
CA VAL B 84 0.43 33.51 -3.44
C VAL B 84 0.29 32.23 -4.27
N PRO B 85 -0.36 32.33 -5.45
CA PRO B 85 -0.62 31.18 -6.34
C PRO B 85 0.64 30.40 -6.70
N GLY B 86 0.47 29.15 -7.15
CA GLY B 86 1.59 28.27 -7.47
C GLY B 86 1.70 27.96 -8.94
N SER B 87 2.24 26.77 -9.23
CA SER B 87 2.50 26.31 -10.59
C SER B 87 1.28 25.67 -11.25
N GLN B 88 0.29 25.33 -10.43
CA GLN B 88 -0.95 24.68 -10.89
C GLN B 88 -2.14 25.24 -10.11
N PRO B 89 -3.34 25.24 -10.72
CA PRO B 89 -4.48 25.76 -9.97
C PRO B 89 -4.81 24.85 -8.80
N GLY B 90 -4.94 25.44 -7.62
CA GLY B 90 -5.14 24.70 -6.39
C GLY B 90 -3.88 24.68 -5.54
N GLU B 91 -2.79 25.21 -6.10
CA GLU B 91 -1.49 25.29 -5.42
C GLU B 91 -1.15 26.70 -5.00
N PHE B 92 -0.59 26.83 -3.80
CA PHE B 92 -0.26 28.13 -3.21
C PHE B 92 1.06 28.08 -2.44
N THR B 93 1.51 29.26 -2.03
CA THR B 93 2.74 29.43 -1.24
C THR B 93 2.75 30.82 -0.58
N LEU B 94 3.69 31.03 0.35
CA LEU B 94 3.92 32.36 0.90
C LEU B 94 5.26 32.96 0.48
N GLY B 95 5.20 34.17 -0.08
CA GLY B 95 6.38 34.89 -0.52
C GLY B 95 6.49 36.28 0.08
N ARG B 96 6.71 36.31 1.40
CA ARG B 96 6.91 37.56 2.15
C ARG B 96 7.82 37.34 3.38
N ILE B 97 9.04 36.87 3.13
CA ILE B 97 10.02 36.60 4.18
C ILE B 97 11.10 37.69 4.22
N LYS B 98 11.22 38.36 5.35
CA LYS B 98 12.12 39.50 5.52
C LYS B 98 12.74 39.57 6.93
N SER B 99 11.89 39.74 7.94
CA SER B 99 12.34 40.10 9.29
C SER B 99 12.74 38.92 10.18
N GLU B 100 11.76 38.13 10.60
CA GLU B 100 11.96 37.10 11.65
C GLU B 100 12.99 36.03 11.28
N PRO B 101 13.84 35.65 12.27
CA PRO B 101 14.85 34.60 12.07
C PRO B 101 14.24 33.20 11.89
N GLY B 102 14.71 32.49 10.87
CA GLY B 102 14.19 31.15 10.55
C GLY B 102 13.23 31.20 9.38
N GLY B 103 13.72 31.68 8.24
CA GLY B 103 12.91 31.86 7.03
C GLY B 103 12.38 30.55 6.45
N THR B 104 11.06 30.38 6.53
CA THR B 104 10.41 29.16 6.06
C THR B 104 9.36 29.46 5.01
N SER B 105 9.53 28.85 3.83
CA SER B 105 8.50 28.90 2.80
C SER B 105 7.57 27.71 2.98
N TRP B 106 6.29 27.92 2.69
CA TRP B 106 5.28 26.86 2.77
C TRP B 106 4.69 26.59 1.42
N LEU B 107 4.36 25.33 1.16
CA LEU B 107 3.58 24.93 0.00
C LEU B 107 2.18 24.54 0.44
N VAL B 108 1.19 24.96 -0.34
CA VAL B 108 -0.20 24.64 -0.09
C VAL B 108 -0.74 23.91 -1.32
N ARG B 109 -1.44 22.81 -1.08
CA ARG B 109 -2.08 22.07 -2.17
C ARG B 109 -3.43 21.50 -1.71
N VAL B 110 -4.50 22.03 -2.30
CA VAL B 110 -5.84 21.49 -2.12
C VAL B 110 -5.91 20.10 -2.75
N VAL B 111 -5.97 19.08 -1.89
CA VAL B 111 -6.01 17.69 -2.34
C VAL B 111 -7.35 17.38 -3.02
N SER B 112 -8.43 17.70 -2.32
CA SER B 112 -9.78 17.50 -2.83
C SER B 112 -10.78 18.32 -2.03
N THR B 113 -11.77 18.87 -2.73
CA THR B 113 -12.86 19.61 -2.10
C THR B 113 -14.15 19.42 -2.90
N ASN B 114 -15.29 19.62 -2.24
CA ASN B 114 -16.55 19.73 -2.95
C ASN B 114 -17.13 21.14 -2.87
N TYR B 115 -16.40 22.02 -2.17
CA TYR B 115 -16.69 23.47 -2.04
C TYR B 115 -17.79 23.86 -1.05
N ASN B 116 -18.86 23.06 -0.98
CA ASN B 116 -20.03 23.43 -0.20
C ASN B 116 -20.13 22.80 1.20
N GLN B 117 -19.28 21.80 1.49
CA GLN B 117 -19.29 21.14 2.81
C GLN B 117 -17.93 20.66 3.35
N HIS B 118 -17.01 20.26 2.48
CA HIS B 118 -15.70 19.75 2.92
C HIS B 118 -14.54 20.09 2.03
N ALA B 119 -13.36 20.23 2.63
CA ALA B 119 -12.11 20.33 1.89
C ALA B 119 -11.01 19.52 2.57
N MET B 120 -10.05 19.08 1.77
CA MET B 120 -8.82 18.46 2.29
C MET B 120 -7.63 19.15 1.64
N VAL B 121 -6.76 19.70 2.46
CA VAL B 121 -5.69 20.57 2.00
C VAL B 121 -4.39 20.19 2.67
N PHE B 122 -3.33 20.13 1.86
CA PHE B 122 -2.02 19.67 2.32
C PHE B 122 -1.06 20.85 2.42
N PHE B 123 -0.30 20.90 3.51
CA PHE B 123 0.65 21.97 3.75
C PHE B 123 2.04 21.38 3.96
N LYS B 124 3.00 21.76 3.12
CA LYS B 124 4.38 21.31 3.26
C LYS B 124 5.35 22.44 3.59
N GLU B 125 6.01 22.30 4.74
CA GLU B 125 7.09 23.19 5.14
C GLU B 125 8.37 22.78 4.41
N VAL B 126 8.84 23.64 3.50
CA VAL B 126 10.05 23.35 2.72
C VAL B 126 11.16 24.34 3.06
N ALA B 127 12.06 23.92 3.94
CA ALA B 127 13.12 24.79 4.45
C ALA B 127 14.26 24.04 5.15
N GLN B 128 15.48 24.52 4.93
CA GLN B 128 16.67 24.15 5.71
C GLN B 128 17.05 22.67 5.68
N ASN B 129 16.46 21.87 6.56
CA ASN B 129 16.83 20.46 6.73
C ASN B 129 15.65 19.57 7.09
N ARG B 130 14.95 19.93 8.17
CA ARG B 130 13.78 19.18 8.61
C ARG B 130 12.52 19.78 8.01
N GLU B 131 11.81 18.99 7.21
CA GLU B 131 10.62 19.46 6.51
C GLU B 131 9.33 18.93 7.14
N THR B 132 8.67 19.81 7.90
CA THR B 132 7.39 19.51 8.54
C THR B 132 6.30 19.44 7.47
N PHE B 133 5.16 18.85 7.83
CA PHE B 133 3.95 18.90 6.99
C PHE B 133 2.68 18.63 7.80
N ASN B 134 1.53 18.94 7.18
CA ASN B 134 0.22 18.63 7.76
C ASN B 134 -0.91 18.64 6.72
N ILE B 135 -1.97 17.91 7.03
CA ILE B 135 -3.18 17.89 6.19
C ILE B 135 -4.33 18.39 7.04
N THR B 136 -5.03 19.39 6.52
CA THR B 136 -6.18 19.95 7.22
C THR B 136 -7.46 19.40 6.62
N LEU B 137 -8.31 18.85 7.47
CA LEU B 137 -9.68 18.53 7.12
C LEU B 137 -10.54 19.75 7.39
N TYR B 138 -11.16 20.28 6.33
CA TYR B 138 -11.93 21.52 6.43
C TYR B 138 -13.44 21.30 6.32
N GLY B 139 -14.19 22.08 7.08
CA GLY B 139 -15.65 22.03 7.00
C GLY B 139 -16.27 23.41 6.89
N ARG B 140 -17.33 23.53 6.09
CA ARG B 140 -18.16 24.74 6.06
C ARG B 140 -18.95 24.87 7.37
N THR B 141 -19.11 23.74 8.06
CA THR B 141 -19.70 23.71 9.38
C THR B 141 -18.73 23.08 10.39
N LYS B 142 -19.00 23.36 11.66
CA LYS B 142 -18.27 22.77 12.78
C LYS B 142 -18.40 21.24 12.78
N GLU B 143 -19.47 20.75 12.18
CA GLU B 143 -19.85 19.35 12.22
C GLU B 143 -19.30 18.54 11.06
N LEU B 144 -19.17 17.25 11.29
CA LEU B 144 -18.63 16.33 10.32
C LEU B 144 -19.36 15.00 10.43
N THR B 145 -19.72 14.44 9.28
CA THR B 145 -20.23 13.08 9.21
C THR B 145 -19.02 12.16 9.39
N SER B 146 -19.20 11.05 10.10
CA SER B 146 -18.12 10.11 10.35
C SER B 146 -17.46 9.58 9.07
N GLU B 147 -18.24 9.48 8.00
CA GLU B 147 -17.75 8.94 6.72
C GLU B 147 -16.63 9.81 6.10
N LEU B 148 -16.75 11.13 6.23
CA LEU B 148 -15.72 12.06 5.77
C LEU B 148 -14.52 12.05 6.71
N LYS B 149 -14.82 11.82 8.00
CA LYS B 149 -13.82 11.70 9.05
C LYS B 149 -12.88 10.52 8.80
N GLU B 150 -13.48 9.36 8.45
CA GLU B 150 -12.75 8.12 8.19
C GLU B 150 -12.08 8.12 6.81
N ASN B 151 -12.52 9.02 5.94
CA ASN B 151 -11.87 9.22 4.65
C ASN B 151 -10.55 9.95 4.89
N PHE B 152 -10.58 10.89 5.83
CA PHE B 152 -9.42 11.67 6.24
C PHE B 152 -8.37 10.80 6.92
N ILE B 153 -8.81 9.94 7.84
CA ILE B 153 -7.92 8.97 8.48
C ILE B 153 -7.26 8.12 7.39
N ARG B 154 -8.08 7.58 6.49
CA ARG B 154 -7.59 6.77 5.37
C ARG B 154 -6.67 7.53 4.42
N PHE B 155 -6.92 8.82 4.22
CA PHE B 155 -6.05 9.60 3.35
C PHE B 155 -4.73 9.96 4.03
N SER B 156 -4.81 10.27 5.32
CA SER B 156 -3.63 10.54 6.16
C SER B 156 -2.63 9.37 6.14
N LYS B 157 -3.14 8.15 6.25
CA LYS B 157 -2.28 6.97 6.30
C LYS B 157 -1.49 6.74 5.00
N SER B 158 -2.06 7.17 3.87
CA SER B 158 -1.41 7.00 2.57
C SER B 158 -0.17 7.90 2.41
N LEU B 159 0.02 8.80 3.36
CA LEU B 159 1.20 9.68 3.38
C LEU B 159 2.18 9.30 4.50
N GLY B 160 1.92 8.18 5.17
CA GLY B 160 2.81 7.62 6.18
C GLY B 160 2.45 7.95 7.63
N LEU B 161 1.35 8.68 7.83
CA LEU B 161 0.95 9.15 9.16
C LEU B 161 0.11 8.13 9.94
N PRO B 162 0.62 7.66 11.10
CA PRO B 162 -0.15 6.82 12.02
C PRO B 162 -1.33 7.53 12.67
N GLU B 163 -2.22 6.74 13.27
CA GLU B 163 -3.43 7.23 13.94
C GLU B 163 -3.16 8.27 15.03
N ASN B 164 -2.05 8.09 15.76
CA ASN B 164 -1.69 8.98 16.88
C ASN B 164 -1.18 10.37 16.48
N HIS B 165 -1.06 10.62 15.17
CA HIS B 165 -0.69 11.93 14.65
C HIS B 165 -1.90 12.68 14.14
N ILE B 166 -3.04 12.00 14.16
CA ILE B 166 -4.31 12.59 13.75
C ILE B 166 -5.10 13.03 15.00
N VAL B 167 -5.70 14.21 14.91
CA VAL B 167 -6.55 14.75 15.96
C VAL B 167 -7.72 15.55 15.38
N PHE B 168 -8.82 15.57 16.11
CA PHE B 168 -10.04 16.26 15.72
C PHE B 168 -10.40 17.26 16.81
N PRO B 169 -9.97 18.53 16.64
CA PRO B 169 -10.19 19.59 17.62
C PRO B 169 -11.66 19.74 17.98
N VAL B 170 -11.94 20.06 19.23
CA VAL B 170 -13.31 20.17 19.71
C VAL B 170 -13.95 21.48 19.20
N PRO B 171 -15.20 21.41 18.69
CA PRO B 171 -15.94 22.60 18.34
C PRO B 171 -16.08 23.55 19.53
N ILE B 172 -15.86 24.83 19.29
CA ILE B 172 -16.05 25.83 20.34
C ILE B 172 -16.96 26.98 19.91
N ASP B 173 -17.70 27.52 20.87
CA ASP B 173 -18.36 28.82 20.72
C ASP B 173 -17.32 29.83 21.18
N GLN B 174 -17.48 31.09 20.72
CA GLN B 174 -16.55 32.20 21.00
C GLN B 174 -15.51 32.41 19.89
N CYS B 175 -15.47 33.66 19.41
CA CYS B 175 -14.54 34.14 18.37
C CYS B 175 -14.71 33.50 16.98
N ILE B 176 -14.71 32.18 16.91
CA ILE B 176 -14.75 31.45 15.62
C ILE B 176 -16.13 31.46 14.96
N ASP B 177 -17.18 31.68 15.76
CA ASP B 177 -18.55 31.70 15.26
C ASP B 177 -19.04 33.13 15.01
N SER C 5 -3.52 9.91 23.89
CA SER C 5 -2.87 8.72 23.26
C SER C 5 -1.44 8.56 23.75
N ASP C 6 -1.19 7.44 24.44
CA ASP C 6 0.15 7.08 24.86
C ASP C 6 0.88 6.44 23.70
N LEU C 7 0.17 5.55 23.00
CA LEU C 7 0.77 4.69 21.96
C LEU C 7 -0.07 4.66 20.68
N ILE C 8 0.46 4.00 19.66
CA ILE C 8 -0.27 3.69 18.42
C ILE C 8 -1.17 2.48 18.70
N PRO C 9 -2.43 2.50 18.19
CA PRO C 9 -3.41 1.45 18.47
C PRO C 9 -3.00 0.05 18.02
N ALA C 10 -3.41 -0.96 18.79
CA ALA C 10 -3.14 -2.36 18.45
C ALA C 10 -3.91 -2.74 17.19
N PRO C 11 -3.21 -3.33 16.20
CA PRO C 11 -3.83 -3.67 14.92
C PRO C 11 -4.70 -4.90 15.04
N PRO C 12 -5.71 -5.05 14.14
CA PRO C 12 -6.54 -6.25 14.17
C PRO C 12 -5.73 -7.49 13.81
N LEU C 13 -5.95 -8.58 14.55
CA LEU C 13 -5.25 -9.85 14.32
C LEU C 13 -5.42 -10.35 12.87
N SER C 14 -6.35 -9.73 12.16
CA SER C 14 -6.65 -10.01 10.76
C SER C 14 -5.49 -9.58 9.89
N LYS C 15 -5.03 -8.34 10.10
CA LYS C 15 -3.92 -7.76 9.36
C LYS C 15 -2.59 -8.39 9.80
N VAL C 16 -2.66 -9.32 10.75
CA VAL C 16 -1.48 -10.05 11.19
C VAL C 16 -1.48 -11.45 10.57
N PRO C 17 -0.72 -11.64 9.49
CA PRO C 17 -0.67 -12.96 8.82
C PRO C 17 -0.15 -14.04 9.76
N LEU C 18 -0.66 -15.27 9.56
CA LEU C 18 -0.17 -16.45 10.26
C LEU C 18 0.51 -17.38 9.25
N GLN C 19 1.73 -17.81 9.56
CA GLN C 19 2.51 -18.67 8.66
C GLN C 19 1.80 -19.98 8.35
N GLN C 20 1.66 -20.29 7.06
CA GLN C 20 1.00 -21.52 6.61
C GLN C 20 1.81 -22.76 7.00
N ASN C 21 1.11 -23.85 7.28
CA ASN C 21 1.76 -25.11 7.68
C ASN C 21 2.97 -24.84 8.59
N PHE C 22 2.72 -24.18 9.72
CA PHE C 22 3.77 -23.82 10.66
C PHE C 22 4.45 -25.05 11.22
N GLN C 23 5.79 -25.05 11.19
CA GLN C 23 6.58 -26.22 11.52
C GLN C 23 7.24 -26.14 12.89
N ASP C 24 6.56 -26.72 13.87
CA ASP C 24 7.05 -26.85 15.24
C ASP C 24 8.56 -27.02 15.33
N ASN C 25 9.02 -28.21 14.94
CA ASN C 25 10.39 -28.66 15.16
C ASN C 25 11.45 -28.03 14.26
N GLN C 26 11.07 -27.05 13.44
CA GLN C 26 12.01 -26.41 12.52
C GLN C 26 12.27 -24.95 12.90
N PHE C 27 11.27 -24.31 13.50
CA PHE C 27 11.41 -22.97 14.06
C PHE C 27 12.24 -23.03 15.35
N HIS C 28 12.17 -24.17 16.02
CA HIS C 28 12.98 -24.53 17.19
C HIS C 28 14.46 -24.26 16.99
N GLY C 29 15.09 -23.71 18.03
CA GLY C 29 16.52 -23.40 18.00
C GLY C 29 16.84 -21.96 18.38
N LYS C 30 18.05 -21.53 18.06
CA LYS C 30 18.50 -20.16 18.33
C LYS C 30 18.08 -19.15 17.25
N TRP C 31 17.64 -17.97 17.68
CA TRP C 31 17.29 -16.85 16.79
C TRP C 31 17.85 -15.55 17.31
N TYR C 32 18.56 -14.80 16.47
CA TYR C 32 19.07 -13.50 16.86
C TYR C 32 18.03 -12.40 16.59
N VAL C 33 17.91 -11.45 17.52
CA VAL C 33 17.00 -10.31 17.33
C VAL C 33 17.71 -9.24 16.49
N VAL C 34 17.51 -9.30 15.17
CA VAL C 34 18.23 -8.43 14.23
C VAL C 34 17.37 -7.22 13.80
N GLY C 35 16.17 -7.13 14.36
CA GLY C 35 15.23 -6.07 14.04
C GLY C 35 14.00 -6.14 14.92
N ALA C 36 13.50 -4.98 15.34
CA ALA C 36 12.34 -4.90 16.21
C ALA C 36 11.54 -3.62 15.97
N ALA C 37 10.20 -3.74 15.97
CA ALA C 37 9.33 -2.58 15.81
C ALA C 37 8.03 -2.72 16.58
N GLY C 38 7.78 -1.78 17.49
CA GLY C 38 6.54 -1.75 18.25
C GLY C 38 5.98 -0.36 18.45
N ASN C 39 4.77 -0.28 18.98
CA ASN C 39 4.11 1.00 19.30
C ASN C 39 4.74 1.68 20.51
N VAL C 40 5.36 0.88 21.39
CA VAL C 40 6.02 1.43 22.57
C VAL C 40 7.46 1.86 22.22
N LEU C 41 7.64 3.18 22.10
CA LEU C 41 8.93 3.75 21.71
C LEU C 41 9.91 3.78 22.89
N LEU C 42 11.19 3.96 22.57
CA LEU C 42 12.25 3.87 23.57
C LEU C 42 12.93 5.21 23.81
N ARG C 43 13.43 5.38 25.03
CA ARG C 43 14.27 6.52 25.38
C ARG C 43 15.60 6.42 24.64
N GLU C 44 16.17 7.58 24.29
CA GLU C 44 17.40 7.60 23.49
C GLU C 44 18.65 7.47 24.37
N ASP C 45 18.50 6.85 25.53
CA ASP C 45 19.61 6.58 26.44
C ASP C 45 20.49 5.46 25.89
N LYS C 46 21.79 5.78 25.75
CA LYS C 46 22.78 4.89 25.14
C LYS C 46 22.37 4.50 23.72
N ASP C 47 22.63 5.41 22.79
CA ASP C 47 22.16 5.34 21.39
C ASP C 47 22.22 3.94 20.75
N PRO C 48 23.38 3.25 20.83
CA PRO C 48 23.40 1.86 20.36
C PRO C 48 22.64 0.90 21.30
N LEU C 49 21.69 0.17 20.73
CA LEU C 49 21.02 -0.92 21.43
C LEU C 49 21.63 -2.26 21.01
N LYS C 50 21.96 -3.08 22.00
CA LYS C 50 22.70 -4.33 21.76
C LYS C 50 21.80 -5.49 21.32
N MET C 51 22.30 -6.24 20.34
CA MET C 51 21.63 -7.45 19.86
C MET C 51 21.51 -8.49 20.97
N TYR C 52 20.46 -9.31 20.88
CA TYR C 52 20.35 -10.50 21.73
C TYR C 52 19.72 -11.67 20.97
N ALA C 53 19.85 -12.86 21.54
CA ALA C 53 19.31 -14.07 20.93
C ALA C 53 18.22 -14.71 21.79
N THR C 54 17.34 -15.46 21.13
CA THR C 54 16.31 -16.22 21.81
C THR C 54 16.30 -17.65 21.30
N ILE C 55 16.39 -18.60 22.24
CA ILE C 55 16.37 -20.02 21.91
C ILE C 55 14.99 -20.63 22.18
N TYR C 56 14.38 -21.14 21.12
CA TYR C 56 13.12 -21.86 21.23
C TYR C 56 13.38 -23.35 21.35
N GLU C 57 12.98 -23.93 22.49
CA GLU C 57 13.15 -25.35 22.71
C GLU C 57 11.78 -26.04 22.77
N LEU C 58 11.47 -26.78 21.70
CA LEU C 58 10.24 -27.55 21.63
C LEU C 58 10.24 -28.68 22.66
N LYS C 59 9.19 -28.71 23.49
CA LYS C 59 9.00 -29.77 24.47
C LYS C 59 8.00 -30.80 23.95
N GLU C 60 7.88 -31.91 24.69
CA GLU C 60 6.94 -32.96 24.34
C GLU C 60 5.49 -32.44 24.38
N ASP C 61 5.29 -31.37 25.15
CA ASP C 61 4.02 -30.64 25.23
C ASP C 61 3.64 -29.95 23.92
N LYS C 62 4.59 -29.84 23.00
CA LYS C 62 4.50 -28.98 21.80
C LYS C 62 4.67 -27.50 22.15
N SER C 63 4.82 -27.23 23.45
CA SER C 63 5.13 -25.90 23.93
C SER C 63 6.62 -25.59 23.74
N TYR C 64 6.98 -24.32 23.86
CA TYR C 64 8.38 -23.91 23.78
C TYR C 64 8.88 -23.42 25.13
N ASN C 65 10.02 -23.96 25.56
CA ASN C 65 10.82 -23.29 26.56
C ASN C 65 11.63 -22.22 25.83
N VAL C 66 11.43 -20.97 26.23
CA VAL C 66 12.05 -19.84 25.56
C VAL C 66 13.13 -19.23 26.44
N THR C 67 14.32 -19.05 25.86
CA THR C 67 15.47 -18.56 26.63
C THR C 67 16.19 -17.44 25.89
N SER C 68 16.03 -16.22 26.39
CA SER C 68 16.70 -15.05 25.83
C SER C 68 18.03 -14.80 26.53
N VAL C 69 19.08 -14.65 25.74
CA VAL C 69 20.44 -14.44 26.26
C VAL C 69 20.90 -13.02 25.93
N GLY C 70 21.37 -12.29 26.94
CA GLY C 70 21.77 -10.90 26.75
C GLY C 70 23.03 -10.52 27.49
N PHE C 71 23.58 -9.36 27.14
CA PHE C 71 24.77 -8.80 27.79
C PHE C 71 24.45 -7.43 28.40
N ASP C 72 24.78 -7.27 29.68
CA ASP C 72 24.57 -6.01 30.38
C ASP C 72 25.56 -5.82 31.52
N ASP C 73 26.33 -4.74 31.46
CA ASP C 73 27.29 -4.35 32.50
C ASP C 73 28.18 -5.54 32.92
N LYS C 74 28.90 -6.07 31.93
CA LYS C 74 29.88 -7.14 32.10
C LYS C 74 29.28 -8.48 32.55
N LYS C 75 27.95 -8.54 32.58
CA LYS C 75 27.19 -9.76 32.91
C LYS C 75 26.49 -10.31 31.67
N CYS C 76 26.31 -11.64 31.63
CA CYS C 76 25.40 -12.29 30.69
C CYS C 76 24.06 -12.44 31.41
N LEU C 77 22.97 -12.17 30.71
CA LEU C 77 21.63 -12.34 31.29
C LEU C 77 20.85 -13.44 30.59
N TYR C 78 20.07 -14.18 31.38
CA TYR C 78 19.24 -15.26 30.86
C TYR C 78 17.80 -15.09 31.33
N LYS C 79 16.91 -14.83 30.37
CA LYS C 79 15.48 -14.70 30.58
C LYS C 79 14.81 -15.98 30.09
N ILE C 80 14.11 -16.66 31.00
CA ILE C 80 13.49 -17.95 30.70
C ILE C 80 11.99 -17.93 31.01
N ARG C 81 11.19 -18.30 30.02
CA ARG C 81 9.74 -18.37 30.12
C ARG C 81 9.19 -19.40 29.13
N THR C 82 7.93 -19.78 29.31
CA THR C 82 7.33 -20.84 28.51
C THR C 82 6.18 -20.29 27.65
N PHE C 83 6.28 -20.50 26.35
CA PHE C 83 5.22 -20.13 25.41
C PHE C 83 4.26 -21.31 25.27
N VAL C 84 3.01 -21.11 25.71
CA VAL C 84 1.98 -22.16 25.71
C VAL C 84 1.17 -22.10 24.40
N PRO C 85 0.92 -23.27 23.77
CA PRO C 85 0.19 -23.33 22.49
C PRO C 85 -1.20 -22.66 22.51
N GLY C 86 -1.59 -22.08 21.38
CA GLY C 86 -2.81 -21.29 21.29
C GLY C 86 -3.97 -21.98 20.60
N SER C 87 -4.55 -21.30 19.62
CA SER C 87 -5.72 -21.81 18.91
C SER C 87 -5.32 -22.58 17.65
N GLN C 88 -4.23 -22.14 17.02
CA GLN C 88 -3.73 -22.74 15.80
C GLN C 88 -2.21 -22.94 15.89
N PRO C 89 -1.64 -23.83 15.05
CA PRO C 89 -0.19 -23.90 14.94
C PRO C 89 0.36 -22.52 14.57
N GLY C 90 1.29 -22.00 15.37
CA GLY C 90 1.88 -20.68 15.12
C GLY C 90 1.55 -19.65 16.19
N GLU C 91 0.49 -19.93 16.95
CA GLU C 91 0.00 -19.01 17.97
C GLU C 91 0.31 -19.51 19.37
N PHE C 92 0.81 -18.62 20.22
CA PHE C 92 1.21 -18.98 21.58
C PHE C 92 0.82 -17.91 22.62
N THR C 93 0.88 -18.29 23.90
CA THR C 93 0.49 -17.41 25.01
C THR C 93 1.41 -17.56 26.23
N LEU C 94 1.34 -16.60 27.15
CA LEU C 94 2.07 -16.68 28.42
C LEU C 94 1.23 -17.38 29.48
N GLY C 95 1.57 -18.65 29.76
CA GLY C 95 0.77 -19.52 30.61
C GLY C 95 0.89 -19.30 32.11
N ARG C 96 2.13 -19.12 32.59
CA ARG C 96 2.40 -19.07 34.03
C ARG C 96 2.73 -17.66 34.55
N ILE C 97 1.79 -17.08 35.30
CA ILE C 97 2.01 -15.82 36.01
C ILE C 97 1.71 -16.02 37.50
N LYS C 98 0.44 -15.87 37.87
CA LYS C 98 -0.08 -16.06 39.23
C LYS C 98 0.48 -15.07 40.27
N SER C 99 1.78 -15.17 40.55
CA SER C 99 2.44 -14.39 41.60
C SER C 99 2.48 -12.88 41.32
N GLU C 100 2.98 -12.52 40.15
CA GLU C 100 3.26 -11.12 39.80
C GLU C 100 2.01 -10.27 39.57
N PRO C 101 1.85 -9.19 40.35
CA PRO C 101 0.81 -8.20 40.06
C PRO C 101 1.10 -7.49 38.75
N GLY C 102 0.04 -7.18 37.98
CA GLY C 102 0.19 -6.62 36.64
C GLY C 102 0.78 -7.64 35.67
N GLY C 103 0.58 -8.92 35.97
CA GLY C 103 1.04 -10.00 35.12
C GLY C 103 0.24 -10.05 33.84
N THR C 104 0.92 -9.76 32.73
CA THR C 104 0.27 -9.58 31.44
C THR C 104 0.11 -10.88 30.65
N SER C 105 -1.01 -10.97 29.93
CA SER C 105 -1.33 -12.12 29.08
C SER C 105 -0.88 -11.85 27.64
N TRP C 106 0.29 -12.36 27.28
CA TRP C 106 0.88 -12.10 25.96
C TRP C 106 0.33 -12.97 24.88
N LEU C 107 0.18 -12.38 23.70
CA LEU C 107 -0.27 -13.09 22.52
C LEU C 107 0.86 -13.14 21.52
N VAL C 108 1.13 -14.35 21.02
CA VAL C 108 2.23 -14.58 20.10
C VAL C 108 1.64 -15.11 18.79
N ARG C 109 2.22 -14.71 17.67
CA ARG C 109 1.81 -15.21 16.35
C ARG C 109 3.00 -15.21 15.39
N VAL C 110 3.44 -16.40 15.00
CA VAL C 110 4.51 -16.51 13.99
C VAL C 110 3.93 -16.12 12.63
N VAL C 111 4.36 -14.98 12.12
CA VAL C 111 3.79 -14.41 10.89
C VAL C 111 4.36 -15.10 9.66
N SER C 112 5.68 -15.05 9.53
CA SER C 112 6.37 -15.69 8.43
C SER C 112 7.71 -16.17 8.95
N THR C 113 8.17 -17.29 8.42
CA THR C 113 9.50 -17.79 8.71
C THR C 113 10.03 -18.64 7.56
N ASN C 114 11.35 -18.60 7.38
CA ASN C 114 12.05 -19.46 6.44
C ASN C 114 12.53 -20.74 7.14
N TYR C 115 12.54 -20.70 8.47
CA TYR C 115 13.11 -21.74 9.34
C TYR C 115 14.64 -21.80 9.25
N ASN C 116 15.14 -21.69 8.02
CA ASN C 116 16.56 -21.68 7.70
C ASN C 116 17.27 -20.36 8.01
N GLN C 117 16.57 -19.25 7.81
CA GLN C 117 17.19 -17.93 7.76
C GLN C 117 16.50 -16.87 8.62
N HIS C 118 15.20 -16.69 8.43
CA HIS C 118 14.48 -15.55 9.03
C HIS C 118 13.13 -15.86 9.61
N ALA C 119 12.66 -14.97 10.49
CA ALA C 119 11.32 -15.06 11.08
C ALA C 119 10.78 -13.71 11.54
N MET C 120 9.50 -13.47 11.28
CA MET C 120 8.78 -12.35 11.87
C MET C 120 7.74 -12.89 12.84
N VAL C 121 7.86 -12.54 14.12
CA VAL C 121 6.89 -12.99 15.11
C VAL C 121 6.27 -11.79 15.83
N PHE C 122 4.94 -11.82 15.93
CA PHE C 122 4.15 -10.71 16.47
C PHE C 122 3.89 -10.88 17.97
N PHE C 123 4.04 -9.80 18.72
CA PHE C 123 3.83 -9.83 20.17
C PHE C 123 2.82 -8.78 20.61
N LYS C 124 1.72 -9.22 21.23
CA LYS C 124 0.71 -8.26 21.73
C LYS C 124 0.38 -8.47 23.20
N GLU C 125 0.51 -7.39 23.97
CA GLU C 125 0.20 -7.38 25.39
C GLU C 125 -1.31 -7.18 25.62
N VAL C 126 -1.86 -7.94 26.57
CA VAL C 126 -3.25 -7.75 26.99
C VAL C 126 -3.31 -7.59 28.52
N ALA C 127 -3.75 -6.42 28.97
CA ALA C 127 -3.79 -6.11 30.40
C ALA C 127 -5.03 -5.27 30.75
N GLN C 128 -4.85 -4.26 31.61
CA GLN C 128 -5.94 -3.39 32.07
C GLN C 128 -6.80 -2.86 30.91
N ASN C 129 -6.23 -1.93 30.13
CA ASN C 129 -6.90 -1.39 28.95
C ASN C 129 -5.88 -1.23 27.83
N ARG C 130 -4.78 -0.56 28.17
CA ARG C 130 -3.73 -0.22 27.21
C ARG C 130 -2.99 -1.47 26.72
N GLU C 131 -2.76 -1.53 25.42
CA GLU C 131 -2.10 -2.66 24.79
C GLU C 131 -0.85 -2.20 24.04
N THR C 132 0.31 -2.67 24.51
CA THR C 132 1.55 -2.50 23.75
C THR C 132 1.69 -3.69 22.81
N PHE C 133 2.43 -3.50 21.72
CA PHE C 133 2.69 -4.57 20.79
C PHE C 133 4.01 -4.32 20.06
N ASN C 134 4.64 -5.40 19.61
CA ASN C 134 5.85 -5.28 18.80
C ASN C 134 5.95 -6.40 17.77
N ILE C 135 6.79 -6.19 16.76
CA ILE C 135 7.15 -7.26 15.84
C ILE C 135 8.67 -7.45 15.95
N THR C 136 9.12 -8.70 15.98
CA THR C 136 10.55 -8.98 16.01
C THR C 136 10.99 -9.63 14.70
N LEU C 137 12.06 -9.12 14.11
CA LEU C 137 12.72 -9.80 13.00
C LEU C 137 13.84 -10.67 13.54
N TYR C 138 13.69 -11.98 13.36
CA TYR C 138 14.65 -12.97 13.84
C TYR C 138 15.58 -13.38 12.72
N GLY C 139 16.82 -13.72 13.09
CA GLY C 139 17.81 -14.22 12.15
C GLY C 139 18.56 -15.43 12.68
N ARG C 140 18.82 -16.41 11.82
CA ARG C 140 19.64 -17.57 12.19
C ARG C 140 21.12 -17.16 12.22
N THR C 141 21.45 -16.12 11.46
CA THR C 141 22.74 -15.43 11.57
C THR C 141 22.49 -14.02 12.12
N LYS C 142 23.52 -13.39 12.66
CA LYS C 142 23.43 -12.03 13.19
C LYS C 142 23.30 -11.02 12.05
N GLU C 143 23.57 -11.47 10.84
CA GLU C 143 23.54 -10.64 9.63
C GLU C 143 22.12 -10.34 9.16
N LEU C 144 21.94 -9.16 8.59
CA LEU C 144 20.68 -8.75 7.96
C LEU C 144 20.99 -8.17 6.59
N THR C 145 20.44 -8.78 5.54
CA THR C 145 20.59 -8.28 4.18
C THR C 145 19.68 -7.08 3.94
N SER C 146 20.00 -6.29 2.91
CA SER C 146 19.23 -5.10 2.57
C SER C 146 17.78 -5.39 2.14
N GLU C 147 17.60 -6.48 1.38
CA GLU C 147 16.27 -6.92 0.95
C GLU C 147 15.32 -7.24 2.11
N LEU C 148 15.82 -8.00 3.09
CA LEU C 148 15.02 -8.38 4.25
C LEU C 148 14.77 -7.17 5.15
N LYS C 149 15.74 -6.26 5.18
CA LYS C 149 15.62 -5.00 5.90
C LYS C 149 14.45 -4.16 5.38
N GLU C 150 14.35 -4.06 4.04
CA GLU C 150 13.27 -3.31 3.40
C GLU C 150 11.94 -4.03 3.57
N ASN C 151 12.01 -5.34 3.79
CA ASN C 151 10.84 -6.18 3.95
C ASN C 151 10.22 -6.08 5.35
N PHE C 152 11.07 -5.95 6.36
CA PHE C 152 10.60 -5.75 7.74
C PHE C 152 10.12 -4.31 7.96
N ILE C 153 10.77 -3.35 7.31
CA ILE C 153 10.29 -1.96 7.31
C ILE C 153 8.87 -1.95 6.72
N ARG C 154 8.73 -2.50 5.52
CA ARG C 154 7.46 -2.57 4.81
C ARG C 154 6.34 -3.21 5.63
N PHE C 155 6.64 -4.33 6.29
CA PHE C 155 5.65 -5.03 7.12
C PHE C 155 5.22 -4.25 8.36
N SER C 156 6.16 -3.53 8.96
CA SER C 156 5.87 -2.72 10.15
C SER C 156 4.93 -1.59 9.75
N LYS C 157 5.28 -0.90 8.67
CA LYS C 157 4.45 0.16 8.10
C LYS C 157 3.03 -0.32 7.82
N SER C 158 2.92 -1.47 7.16
CA SER C 158 1.64 -2.08 6.83
C SER C 158 0.76 -2.27 8.06
N LEU C 159 1.38 -2.36 9.23
CA LEU C 159 0.68 -2.51 10.50
C LEU C 159 0.45 -1.18 11.21
N GLY C 160 0.84 -0.09 10.54
CA GLY C 160 0.55 1.27 11.00
C GLY C 160 1.67 1.98 11.74
N LEU C 161 2.89 1.47 11.57
CA LEU C 161 4.06 1.97 12.29
C LEU C 161 4.94 2.84 11.39
N PRO C 162 5.50 3.94 11.95
CA PRO C 162 6.36 4.84 11.19
C PRO C 162 7.81 4.33 11.12
N GLU C 163 8.66 5.07 10.40
CA GLU C 163 10.07 4.73 10.24
C GLU C 163 10.83 4.75 11.57
N ASN C 164 10.54 5.76 12.39
CA ASN C 164 11.33 6.01 13.62
C ASN C 164 10.98 5.11 14.82
N HIS C 165 10.08 4.16 14.60
CA HIS C 165 9.72 3.16 15.60
C HIS C 165 10.40 1.85 15.34
N ILE C 166 11.13 1.77 14.23
CA ILE C 166 11.78 0.52 13.82
C ILE C 166 13.24 0.47 14.26
N VAL C 167 13.53 -0.41 15.23
CA VAL C 167 14.88 -0.56 15.78
C VAL C 167 15.63 -1.70 15.08
N PHE C 168 16.90 -1.47 14.79
CA PHE C 168 17.81 -2.51 14.32
C PHE C 168 19.00 -2.57 15.26
N PRO C 169 18.99 -3.57 16.18
CA PRO C 169 20.03 -3.74 17.21
C PRO C 169 21.45 -3.81 16.64
N VAL C 170 22.42 -3.43 17.46
CA VAL C 170 23.83 -3.50 17.07
C VAL C 170 24.36 -4.90 17.45
N PRO C 171 24.99 -5.60 16.48
CA PRO C 171 25.59 -6.92 16.74
C PRO C 171 26.72 -6.83 17.76
N ILE C 172 26.77 -7.78 18.68
CA ILE C 172 27.91 -7.91 19.61
C ILE C 172 28.45 -9.34 19.60
N ASP C 173 29.62 -9.53 20.17
CA ASP C 173 30.20 -10.85 20.39
C ASP C 173 30.42 -10.95 21.89
N GLN C 174 29.69 -11.85 22.55
CA GLN C 174 29.70 -11.89 24.02
C GLN C 174 28.98 -13.11 24.60
N CYS C 175 27.67 -12.98 24.77
CA CYS C 175 26.84 -13.99 25.38
C CYS C 175 26.02 -14.73 24.31
N ILE C 176 25.73 -14.04 23.22
CA ILE C 176 24.86 -14.56 22.15
C ILE C 176 25.62 -15.52 21.23
N ASP C 177 26.86 -15.82 21.61
CA ASP C 177 27.76 -16.75 20.90
C ASP C 177 28.23 -16.27 19.53
N GLY C 178 27.28 -15.95 18.64
CA GLY C 178 27.60 -15.56 17.27
C GLY C 178 27.85 -16.76 16.38
N LEU D 7 26.10 -21.16 -33.19
CA LEU D 7 24.97 -20.54 -32.42
C LEU D 7 23.75 -21.44 -32.39
N ILE D 8 23.10 -21.50 -31.24
CA ILE D 8 21.85 -22.24 -31.06
C ILE D 8 20.68 -21.39 -31.58
N PRO D 9 19.79 -22.00 -32.41
CA PRO D 9 18.64 -21.26 -32.94
C PRO D 9 17.63 -20.85 -31.87
N ALA D 10 16.79 -19.88 -32.20
CA ALA D 10 15.78 -19.38 -31.28
C ALA D 10 14.54 -20.28 -31.24
N PRO D 11 14.18 -20.77 -30.05
CA PRO D 11 12.96 -21.58 -29.92
C PRO D 11 11.73 -20.71 -30.12
N PRO D 12 10.80 -21.14 -31.01
CA PRO D 12 9.56 -20.39 -31.27
C PRO D 12 8.78 -20.08 -30.00
N LEU D 13 8.08 -18.95 -30.00
CA LEU D 13 7.29 -18.49 -28.86
C LEU D 13 6.33 -19.56 -28.34
N SER D 14 6.06 -20.55 -29.18
CA SER D 14 5.26 -21.73 -28.81
C SER D 14 5.90 -22.52 -27.68
N LYS D 15 7.23 -22.64 -27.74
CA LYS D 15 8.00 -23.41 -26.76
C LYS D 15 8.13 -22.70 -25.42
N VAL D 16 8.11 -21.36 -25.47
CA VAL D 16 8.23 -20.52 -24.30
C VAL D 16 6.87 -20.31 -23.64
N PRO D 17 6.64 -20.93 -22.47
CA PRO D 17 5.38 -20.72 -21.78
C PRO D 17 5.31 -19.32 -21.16
N LEU D 18 4.10 -18.80 -21.02
CA LEU D 18 3.91 -17.50 -20.39
C LEU D 18 3.20 -17.67 -19.05
N GLN D 19 3.65 -16.92 -18.05
CA GLN D 19 3.02 -16.89 -16.74
C GLN D 19 1.57 -16.42 -16.84
N GLN D 20 0.65 -17.26 -16.35
CA GLN D 20 -0.77 -16.92 -16.32
C GLN D 20 -1.12 -15.86 -15.27
N ASN D 21 -2.10 -15.03 -15.59
CA ASN D 21 -2.56 -13.91 -14.76
C ASN D 21 -1.45 -13.02 -14.19
N PHE D 22 -0.51 -12.62 -15.05
CA PHE D 22 0.65 -11.84 -14.66
C PHE D 22 0.24 -10.51 -14.04
N GLN D 23 0.70 -10.24 -12.82
CA GLN D 23 0.35 -9.01 -12.09
C GLN D 23 1.43 -7.92 -12.16
N ASP D 24 1.05 -6.82 -12.81
CA ASP D 24 1.84 -5.59 -12.88
C ASP D 24 2.53 -5.19 -11.58
N ASN D 25 1.70 -4.85 -10.59
CA ASN D 25 2.13 -4.28 -9.32
C ASN D 25 2.68 -5.28 -8.30
N GLN D 26 3.07 -6.47 -8.77
CA GLN D 26 3.68 -7.49 -7.91
C GLN D 26 5.05 -7.90 -8.44
N PHE D 27 5.18 -7.95 -9.77
CA PHE D 27 6.47 -8.22 -10.39
C PHE D 27 7.42 -7.02 -10.25
N HIS D 28 6.83 -5.84 -10.05
CA HIS D 28 7.58 -4.59 -9.89
C HIS D 28 8.53 -4.68 -8.73
N GLY D 29 9.57 -3.84 -8.75
CA GLY D 29 10.55 -3.80 -7.67
C GLY D 29 11.89 -4.41 -8.05
N LYS D 30 12.64 -4.76 -7.02
CA LYS D 30 14.05 -5.13 -7.16
C LYS D 30 14.28 -6.64 -7.27
N TRP D 31 14.92 -7.04 -8.37
CA TRP D 31 15.29 -8.42 -8.61
C TRP D 31 16.77 -8.54 -8.79
N TYR D 32 17.36 -9.62 -8.30
CA TYR D 32 18.78 -9.93 -8.51
C TYR D 32 18.92 -10.93 -9.65
N VAL D 33 19.90 -10.70 -10.52
CA VAL D 33 20.25 -11.66 -11.55
C VAL D 33 21.09 -12.77 -10.90
N VAL D 34 20.46 -13.90 -10.63
CA VAL D 34 21.09 -15.01 -9.90
C VAL D 34 21.48 -16.15 -10.85
N GLY D 35 20.91 -16.11 -12.05
CA GLY D 35 21.22 -17.08 -13.09
C GLY D 35 20.84 -16.57 -14.45
N ALA D 36 21.57 -17.01 -15.47
CA ALA D 36 21.26 -16.67 -16.86
C ALA D 36 21.83 -17.74 -17.78
N ALA D 37 21.03 -18.13 -18.77
CA ALA D 37 21.49 -19.05 -19.81
C ALA D 37 21.22 -18.45 -21.18
N GLY D 38 22.22 -18.49 -22.06
CA GLY D 38 22.10 -17.86 -23.36
C GLY D 38 22.89 -18.54 -24.47
N ASN D 39 22.41 -18.41 -25.70
CA ASN D 39 23.08 -18.97 -26.87
C ASN D 39 24.40 -18.26 -27.19
N VAL D 40 24.51 -17.01 -26.79
CA VAL D 40 25.76 -16.26 -26.91
C VAL D 40 26.64 -16.58 -25.71
N LEU D 41 27.83 -17.12 -25.99
CA LEU D 41 28.81 -17.45 -24.96
C LEU D 41 29.50 -16.18 -24.44
N LEU D 42 30.07 -16.29 -23.26
CA LEU D 42 30.95 -15.27 -22.70
C LEU D 42 32.34 -15.37 -23.32
N ARG D 43 33.30 -14.63 -22.77
CA ARG D 43 34.67 -14.63 -23.28
C ARG D 43 35.63 -15.37 -22.33
N GLU D 44 35.12 -15.70 -21.14
CA GLU D 44 35.90 -16.32 -20.06
C GLU D 44 37.32 -15.73 -19.95
N ASP D 45 37.37 -14.41 -19.81
CA ASP D 45 38.61 -13.68 -19.57
C ASP D 45 38.87 -13.64 -18.06
N LYS D 46 37.78 -13.75 -17.30
CA LYS D 46 37.81 -13.95 -15.85
C LYS D 46 36.55 -14.70 -15.44
N ASP D 47 36.75 -15.88 -14.83
CA ASP D 47 35.67 -16.83 -14.56
C ASP D 47 34.46 -16.31 -13.77
N PRO D 48 34.67 -15.63 -12.62
CA PRO D 48 33.48 -15.26 -11.85
C PRO D 48 32.72 -14.07 -12.45
N LEU D 49 31.59 -14.35 -13.09
CA LEU D 49 30.71 -13.29 -13.57
C LEU D 49 29.94 -12.75 -12.38
N LYS D 50 29.79 -11.44 -12.33
CA LYS D 50 29.32 -10.75 -11.14
C LYS D 50 27.79 -10.68 -11.06
N MET D 51 27.26 -10.78 -9.84
CA MET D 51 25.83 -10.58 -9.62
C MET D 51 25.48 -9.10 -9.81
N TYR D 52 24.39 -8.85 -10.52
CA TYR D 52 23.84 -7.50 -10.63
C TYR D 52 22.33 -7.50 -10.33
N ALA D 53 21.75 -6.31 -10.19
CA ALA D 53 20.34 -6.19 -9.86
C ALA D 53 19.54 -5.53 -10.97
N THR D 54 18.22 -5.60 -10.88
CA THR D 54 17.34 -4.94 -11.84
C THR D 54 16.07 -4.45 -11.16
N ILE D 55 15.78 -3.17 -11.32
CA ILE D 55 14.59 -2.57 -10.72
C ILE D 55 13.52 -2.33 -11.78
N TYR D 56 12.35 -2.92 -11.55
CA TYR D 56 11.19 -2.68 -12.40
C TYR D 56 10.28 -1.66 -11.74
N GLU D 57 10.40 -0.41 -12.16
CA GLU D 57 9.52 0.63 -11.67
C GLU D 57 8.26 0.68 -12.53
N LEU D 58 7.14 0.32 -11.90
CA LEU D 58 5.85 0.27 -12.60
C LEU D 58 5.28 1.65 -12.86
N LYS D 59 5.24 2.02 -14.15
CA LYS D 59 4.70 3.32 -14.57
C LYS D 59 3.18 3.27 -14.72
N GLU D 60 2.59 4.45 -14.83
CA GLU D 60 1.14 4.62 -15.00
C GLU D 60 0.63 3.95 -16.27
N ASP D 61 1.37 4.13 -17.37
CA ASP D 61 1.00 3.60 -18.69
C ASP D 61 1.00 2.07 -18.72
N LYS D 62 1.35 1.47 -17.57
CA LYS D 62 1.54 0.01 -17.41
C LYS D 62 2.89 -0.45 -17.99
N SER D 63 3.78 0.52 -18.26
CA SER D 63 5.12 0.22 -18.76
C SER D 63 6.11 0.23 -17.59
N TYR D 64 7.26 -0.42 -17.78
CA TYR D 64 8.29 -0.49 -16.75
C TYR D 64 9.49 0.41 -17.02
N ASN D 65 9.79 1.27 -16.05
CA ASN D 65 11.06 1.97 -15.99
C ASN D 65 12.09 1.01 -15.41
N VAL D 66 13.01 0.53 -16.26
CA VAL D 66 13.89 -0.59 -15.91
C VAL D 66 15.34 -0.15 -15.68
N THR D 67 15.75 -0.22 -14.41
CA THR D 67 17.10 0.21 -13.98
C THR D 67 17.90 -0.99 -13.50
N SER D 68 19.00 -1.29 -14.19
CA SER D 68 19.94 -2.32 -13.74
C SER D 68 21.17 -1.70 -13.08
N VAL D 69 21.50 -2.18 -11.88
CA VAL D 69 22.66 -1.73 -11.12
C VAL D 69 23.75 -2.78 -11.18
N GLY D 70 25.00 -2.35 -11.34
CA GLY D 70 26.15 -3.26 -11.42
C GLY D 70 27.46 -2.62 -10.97
N PHE D 71 28.47 -3.44 -10.70
CA PHE D 71 29.77 -2.97 -10.22
C PHE D 71 30.92 -3.39 -11.13
N ASP D 72 31.61 -2.40 -11.69
CA ASP D 72 32.71 -2.63 -12.63
C ASP D 72 33.70 -1.46 -12.66
N ASP D 73 34.98 -1.80 -12.52
CA ASP D 73 36.11 -0.86 -12.59
C ASP D 73 36.09 0.25 -11.52
N LYS D 74 35.72 -0.13 -10.28
CA LYS D 74 35.58 0.82 -9.17
C LYS D 74 34.49 1.87 -9.46
N LYS D 75 33.46 1.45 -10.20
CA LYS D 75 32.30 2.31 -10.51
C LYS D 75 31.01 1.50 -10.46
N CYS D 76 29.95 2.14 -9.95
CA CYS D 76 28.60 1.62 -10.08
C CYS D 76 28.05 2.02 -11.45
N LEU D 77 27.53 1.04 -12.17
CA LEU D 77 26.94 1.27 -13.50
C LEU D 77 25.43 1.14 -13.44
N TYR D 78 24.74 2.02 -14.18
CA TYR D 78 23.29 2.04 -14.20
C TYR D 78 22.79 2.12 -15.63
N LYS D 79 22.05 1.09 -16.04
CA LYS D 79 21.40 1.05 -17.36
C LYS D 79 19.92 1.27 -17.20
N ILE D 80 19.44 2.33 -17.85
CA ILE D 80 18.05 2.78 -17.76
C ILE D 80 17.40 2.73 -19.14
N ARG D 81 16.32 1.96 -19.22
CA ARG D 81 15.56 1.75 -20.46
C ARG D 81 14.10 1.41 -20.14
N THR D 82 13.24 1.48 -21.17
CA THR D 82 11.80 1.32 -21.00
C THR D 82 11.28 0.02 -21.61
N PHE D 83 10.53 -0.74 -20.81
CA PHE D 83 9.85 -1.94 -21.29
C PHE D 83 8.37 -1.61 -21.50
N VAL D 84 7.92 -1.78 -22.74
CA VAL D 84 6.56 -1.40 -23.16
C VAL D 84 5.68 -2.66 -23.31
N PRO D 85 4.42 -2.61 -22.81
CA PRO D 85 3.50 -3.77 -22.89
C PRO D 85 3.37 -4.34 -24.31
N GLY D 86 3.31 -5.66 -24.40
CA GLY D 86 3.20 -6.36 -25.69
C GLY D 86 1.81 -6.87 -25.99
N SER D 87 1.72 -7.99 -26.69
CA SER D 87 0.42 -8.57 -27.08
C SER D 87 -0.38 -9.12 -25.89
N GLN D 88 0.31 -9.80 -24.98
CA GLN D 88 -0.33 -10.42 -23.81
C GLN D 88 0.27 -9.84 -22.52
N PRO D 89 -0.48 -9.93 -21.40
CA PRO D 89 0.09 -9.60 -20.08
C PRO D 89 1.34 -10.42 -19.77
N GLY D 90 2.42 -9.75 -19.41
CA GLY D 90 3.69 -10.43 -19.16
C GLY D 90 4.63 -10.39 -20.34
N GLU D 91 4.13 -9.90 -21.48
CA GLU D 91 4.95 -9.68 -22.67
C GLU D 91 5.33 -8.21 -22.78
N PHE D 92 6.61 -7.95 -23.05
CA PHE D 92 7.12 -6.59 -23.17
C PHE D 92 8.04 -6.41 -24.37
N THR D 93 8.15 -5.17 -24.84
CA THR D 93 9.05 -4.86 -25.93
C THR D 93 9.90 -3.63 -25.56
N LEU D 94 11.04 -3.47 -26.22
CA LEU D 94 11.90 -2.32 -25.99
C LEU D 94 11.71 -1.27 -27.09
N GLY D 95 11.42 -0.04 -26.67
CA GLY D 95 11.00 1.01 -27.61
C GLY D 95 12.00 2.13 -27.88
N ARG D 96 11.49 3.23 -28.45
CA ARG D 96 12.27 4.39 -28.91
C ARG D 96 13.23 4.08 -30.07
N ILE D 97 14.30 3.32 -29.79
CA ILE D 97 15.38 2.96 -30.74
C ILE D 97 15.36 3.68 -32.11
N LYS D 98 15.60 4.98 -32.09
CA LYS D 98 15.50 5.81 -33.32
C LYS D 98 16.82 6.41 -33.81
N SER D 99 17.81 6.48 -32.92
CA SER D 99 19.09 7.11 -33.26
C SER D 99 20.21 6.11 -33.61
N GLU D 100 21.13 5.88 -32.67
CA GLU D 100 22.39 5.16 -32.93
C GLU D 100 22.24 3.92 -33.83
N PRO D 101 23.09 3.83 -34.89
CA PRO D 101 23.05 2.71 -35.85
C PRO D 101 23.23 1.34 -35.19
N GLY D 102 22.53 0.34 -35.73
CA GLY D 102 22.53 -1.00 -35.18
C GLY D 102 21.37 -1.23 -34.23
N GLY D 103 20.32 -0.42 -34.38
CA GLY D 103 19.14 -0.47 -33.52
C GLY D 103 18.26 -1.68 -33.77
N THR D 104 18.00 -2.43 -32.70
CA THR D 104 17.24 -3.68 -32.79
C THR D 104 16.20 -3.80 -31.66
N SER D 105 15.11 -4.48 -31.94
CA SER D 105 14.02 -4.65 -30.98
C SER D 105 14.20 -5.88 -30.09
N TRP D 106 13.67 -5.79 -28.87
CA TRP D 106 13.75 -6.87 -27.89
C TRP D 106 12.39 -7.37 -27.51
N LEU D 107 12.27 -8.69 -27.34
CA LEU D 107 11.02 -9.30 -26.90
C LEU D 107 11.14 -9.92 -25.52
N VAL D 108 10.21 -9.56 -24.64
CA VAL D 108 10.28 -9.93 -23.23
C VAL D 108 9.04 -10.70 -22.79
N ARG D 109 9.23 -11.96 -22.41
CA ARG D 109 8.14 -12.77 -21.87
C ARG D 109 8.45 -13.32 -20.48
N VAL D 110 7.63 -12.95 -19.49
CA VAL D 110 7.69 -13.53 -18.16
C VAL D 110 7.15 -14.95 -18.23
N VAL D 111 8.02 -15.92 -18.03
CA VAL D 111 7.69 -17.34 -18.14
C VAL D 111 6.96 -17.83 -16.89
N SER D 112 7.58 -17.58 -15.73
CA SER D 112 7.07 -18.05 -14.45
C SER D 112 7.61 -17.14 -13.35
N THR D 113 6.75 -16.82 -12.40
CA THR D 113 7.16 -16.00 -11.28
C THR D 113 6.42 -16.33 -10.00
N ASN D 114 7.11 -16.09 -8.89
CA ASN D 114 6.54 -16.23 -7.57
C ASN D 114 6.20 -14.86 -6.98
N TYR D 115 6.67 -13.81 -7.67
CA TYR D 115 6.54 -12.41 -7.22
C TYR D 115 7.38 -12.03 -6.00
N ASN D 116 7.36 -12.85 -4.96
CA ASN D 116 8.11 -12.55 -3.75
C ASN D 116 9.35 -13.44 -3.53
N GLN D 117 9.66 -14.30 -4.51
CA GLN D 117 10.85 -15.17 -4.43
C GLN D 117 11.68 -15.20 -5.72
N HIS D 118 11.10 -15.75 -6.78
CA HIS D 118 11.85 -16.00 -8.01
C HIS D 118 11.08 -15.73 -9.28
N ALA D 119 11.82 -15.61 -10.38
CA ALA D 119 11.25 -15.36 -11.70
C ALA D 119 12.16 -15.84 -12.81
N MET D 120 11.57 -16.49 -13.82
CA MET D 120 12.28 -16.85 -15.05
C MET D 120 11.74 -16.00 -16.18
N VAL D 121 12.63 -15.28 -16.85
CA VAL D 121 12.23 -14.35 -17.89
C VAL D 121 13.04 -14.57 -19.17
N PHE D 122 12.30 -14.89 -20.22
CA PHE D 122 12.83 -15.14 -21.54
C PHE D 122 12.99 -13.82 -22.28
N PHE D 123 14.19 -13.57 -22.79
CA PHE D 123 14.48 -12.41 -23.64
C PHE D 123 14.88 -12.91 -25.01
N LYS D 124 14.37 -12.28 -26.06
CA LYS D 124 14.75 -12.63 -27.43
C LYS D 124 15.00 -11.40 -28.29
N GLU D 125 16.12 -11.43 -29.01
CA GLU D 125 16.56 -10.31 -29.85
C GLU D 125 16.31 -10.60 -31.33
N VAL D 126 15.76 -9.60 -32.03
CA VAL D 126 15.59 -9.67 -33.47
C VAL D 126 16.47 -8.58 -34.11
N ALA D 127 17.70 -8.94 -34.46
CA ALA D 127 18.65 -8.00 -35.05
C ALA D 127 18.72 -8.15 -36.57
N GLN D 128 19.92 -8.34 -37.10
CA GLN D 128 20.14 -8.55 -38.54
C GLN D 128 19.57 -9.91 -38.95
N ASN D 129 20.44 -10.93 -38.98
CA ASN D 129 20.02 -12.29 -39.31
C ASN D 129 20.09 -13.24 -38.12
N ARG D 130 20.92 -12.88 -37.14
CA ARG D 130 21.01 -13.64 -35.90
C ARG D 130 19.86 -13.28 -34.97
N GLU D 131 19.37 -14.29 -34.26
CA GLU D 131 18.36 -14.09 -33.24
C GLU D 131 18.91 -14.51 -31.89
N THR D 132 19.46 -13.55 -31.16
CA THR D 132 20.00 -13.80 -29.83
C THR D 132 18.85 -14.01 -28.85
N PHE D 133 19.06 -14.90 -27.88
CA PHE D 133 18.08 -15.12 -26.84
C PHE D 133 18.71 -15.55 -25.52
N ASN D 134 18.01 -15.30 -24.42
CA ASN D 134 18.41 -15.80 -23.12
C ASN D 134 17.25 -15.93 -22.13
N ILE D 135 17.47 -16.71 -21.08
CA ILE D 135 16.54 -16.81 -19.97
C ILE D 135 17.22 -16.30 -18.71
N THR D 136 16.73 -15.20 -18.17
CA THR D 136 17.28 -14.72 -16.91
C THR D 136 16.55 -15.28 -15.70
N LEU D 137 17.32 -15.65 -14.68
CA LEU D 137 16.79 -16.17 -13.43
C LEU D 137 16.89 -15.07 -12.38
N TYR D 138 15.72 -14.65 -11.89
CA TYR D 138 15.61 -13.55 -10.94
C TYR D 138 15.32 -14.04 -9.54
N GLY D 139 15.94 -13.38 -8.56
CA GLY D 139 15.67 -13.64 -7.14
C GLY D 139 15.50 -12.35 -6.38
N ARG D 140 14.52 -12.31 -5.48
CA ARG D 140 14.36 -11.17 -4.58
C ARG D 140 15.51 -11.15 -3.58
N THR D 141 16.01 -12.35 -3.25
CA THR D 141 17.24 -12.49 -2.48
C THR D 141 18.36 -12.97 -3.41
N LYS D 142 19.61 -12.78 -2.96
CA LYS D 142 20.77 -13.08 -3.77
C LYS D 142 21.12 -14.57 -3.79
N GLU D 143 20.48 -15.35 -2.92
CA GLU D 143 20.84 -16.76 -2.74
C GLU D 143 20.28 -17.66 -3.85
N LEU D 144 21.05 -18.68 -4.22
CA LEU D 144 20.66 -19.64 -5.24
C LEU D 144 20.65 -21.04 -4.62
N THR D 145 19.46 -21.52 -4.27
CA THR D 145 19.29 -22.85 -3.70
C THR D 145 19.48 -23.89 -4.79
N SER D 146 19.85 -25.11 -4.39
CA SER D 146 20.06 -26.21 -5.33
C SER D 146 18.83 -26.51 -6.17
N GLU D 147 17.66 -26.47 -5.54
CA GLU D 147 16.40 -26.78 -6.20
C GLU D 147 16.12 -25.80 -7.33
N LEU D 148 16.27 -24.51 -7.06
CA LEU D 148 16.08 -23.46 -8.07
C LEU D 148 17.12 -23.65 -9.17
N LYS D 149 18.35 -23.97 -8.76
CA LYS D 149 19.44 -24.27 -9.69
C LYS D 149 19.05 -25.40 -10.63
N GLU D 150 18.68 -26.56 -10.08
CA GLU D 150 18.27 -27.72 -10.87
C GLU D 150 17.11 -27.41 -11.81
N ASN D 151 16.07 -26.77 -11.27
CA ASN D 151 14.94 -26.28 -12.07
C ASN D 151 15.42 -25.48 -13.27
N PHE D 152 16.24 -24.45 -13.02
CA PHE D 152 16.72 -23.56 -14.08
C PHE D 152 17.63 -24.25 -15.08
N ILE D 153 18.38 -25.25 -14.63
CA ILE D 153 19.21 -26.06 -15.53
C ILE D 153 18.34 -26.92 -16.46
N ARG D 154 17.28 -27.52 -15.91
CA ARG D 154 16.37 -28.33 -16.72
C ARG D 154 15.54 -27.51 -17.72
N PHE D 155 15.06 -26.34 -17.30
CA PHE D 155 14.27 -25.47 -18.20
C PHE D 155 15.12 -24.94 -19.35
N SER D 156 16.30 -24.45 -19.01
CA SER D 156 17.27 -24.02 -20.00
C SER D 156 17.49 -25.11 -21.06
N LYS D 157 17.75 -26.33 -20.60
CA LYS D 157 18.07 -27.46 -21.48
C LYS D 157 16.92 -27.90 -22.38
N SER D 158 15.69 -27.80 -21.88
CA SER D 158 14.51 -28.05 -22.70
C SER D 158 14.39 -27.03 -23.84
N LEU D 159 15.05 -25.87 -23.65
CA LEU D 159 15.10 -24.83 -24.68
C LEU D 159 16.37 -24.94 -25.53
N GLY D 160 17.01 -26.10 -25.45
CA GLY D 160 18.18 -26.43 -26.29
C GLY D 160 19.49 -25.78 -25.88
N LEU D 161 19.58 -25.37 -24.62
CA LEU D 161 20.81 -24.75 -24.10
C LEU D 161 21.60 -25.72 -23.23
N PRO D 162 22.86 -26.00 -23.60
CA PRO D 162 23.71 -26.96 -22.87
C PRO D 162 24.17 -26.43 -21.51
N GLU D 163 24.94 -27.25 -20.79
CA GLU D 163 25.45 -26.92 -19.46
C GLU D 163 26.46 -25.77 -19.48
N ASN D 164 27.20 -25.64 -20.58
CA ASN D 164 28.23 -24.61 -20.69
C ASN D 164 27.67 -23.23 -21.04
N HIS D 165 26.42 -23.17 -21.49
CA HIS D 165 25.76 -21.92 -21.81
C HIS D 165 24.97 -21.39 -20.65
N ILE D 166 24.99 -22.11 -19.53
CA ILE D 166 24.33 -21.71 -18.29
C ILE D 166 25.35 -21.10 -17.33
N VAL D 167 25.06 -19.90 -16.83
CA VAL D 167 25.95 -19.23 -15.88
C VAL D 167 25.20 -18.71 -14.66
N PHE D 168 25.78 -18.97 -13.48
CA PHE D 168 25.29 -18.44 -12.22
C PHE D 168 26.34 -17.50 -11.63
N PRO D 169 26.03 -16.18 -11.63
CA PRO D 169 26.96 -15.15 -11.16
C PRO D 169 27.23 -15.19 -9.66
N VAL D 170 28.41 -14.73 -9.25
CA VAL D 170 28.84 -14.71 -7.86
C VAL D 170 28.25 -13.48 -7.15
N PRO D 171 27.64 -13.66 -5.95
CA PRO D 171 27.02 -12.56 -5.20
C PRO D 171 28.00 -11.47 -4.79
N ILE D 172 27.49 -10.26 -4.61
CA ILE D 172 28.33 -9.08 -4.39
C ILE D 172 27.70 -8.05 -3.44
N ASP D 173 28.50 -7.60 -2.47
CA ASP D 173 28.10 -6.56 -1.54
C ASP D 173 28.81 -5.27 -1.93
N GLN D 174 28.19 -4.52 -2.84
CA GLN D 174 28.78 -3.30 -3.36
C GLN D 174 27.68 -2.33 -3.78
N CYS D 175 27.53 -2.14 -5.09
CA CYS D 175 26.58 -1.19 -5.68
C CYS D 175 25.12 -1.63 -5.56
N ILE D 176 24.90 -2.94 -5.68
CA ILE D 176 23.55 -3.49 -5.84
C ILE D 176 22.70 -3.50 -4.57
N ASP D 177 23.26 -3.05 -3.45
CA ASP D 177 22.53 -3.00 -2.18
C ASP D 177 22.13 -1.57 -1.76
N LEU E 17 -36.22 -5.41 -5.15
CA LEU E 17 -34.78 -5.46 -4.74
C LEU E 17 -34.34 -4.23 -3.97
N VAL E 18 -33.37 -4.44 -3.07
CA VAL E 18 -32.76 -3.37 -2.29
C VAL E 18 -31.33 -3.20 -2.75
N PHE E 19 -30.68 -4.31 -3.08
CA PHE E 19 -29.35 -4.27 -3.68
C PHE E 19 -29.48 -4.41 -5.19
N PHE E 20 -29.91 -3.33 -5.82
CA PHE E 20 -30.28 -3.31 -7.22
C PHE E 20 -29.11 -3.16 -8.20
N ALA E 21 -27.91 -2.92 -7.67
CA ALA E 21 -26.72 -2.75 -8.51
C ALA E 21 -25.62 -3.76 -8.15
N GLU E 22 -24.42 -3.56 -8.71
CA GLU E 22 -23.24 -4.40 -8.44
C GLU E 22 -23.44 -5.87 -8.85
N ASP E 23 -23.08 -6.78 -7.95
CA ASP E 23 -23.24 -8.21 -8.18
C ASP E 23 -24.66 -8.62 -7.82
N VAL E 24 -25.60 -8.26 -8.69
CA VAL E 24 -27.03 -8.37 -8.45
C VAL E 24 -27.46 -9.83 -8.24
N GLY E 25 -28.33 -10.04 -7.25
CA GLY E 25 -29.02 -11.30 -7.08
C GLY E 25 -28.37 -12.31 -6.15
N SER E 26 -27.05 -12.37 -6.21
CA SER E 26 -26.24 -13.39 -5.51
C SER E 26 -26.76 -13.79 -4.12
N ASN E 27 -26.97 -15.10 -3.95
CA ASN E 27 -27.50 -15.71 -2.71
C ASN E 27 -28.90 -15.25 -2.29
N LEU F 17 0.08 25.52 20.36
CA LEU F 17 -0.37 26.70 19.54
C LEU F 17 -1.87 26.73 19.32
N VAL F 18 -2.44 27.93 19.33
CA VAL F 18 -3.87 28.10 19.02
C VAL F 18 -4.11 27.85 17.52
N PHE F 19 -3.09 28.12 16.70
CA PHE F 19 -3.14 27.85 15.26
C PHE F 19 -2.17 26.71 14.92
N PHE F 20 -2.58 25.49 15.29
CA PHE F 20 -1.73 24.30 15.22
C PHE F 20 -1.57 23.69 13.82
N ALA F 21 -2.41 24.10 12.88
CA ALA F 21 -2.41 23.52 11.54
C ALA F 21 -1.97 24.53 10.48
N GLU F 22 -2.05 24.11 9.21
CA GLU F 22 -1.77 24.97 8.06
C GLU F 22 -0.30 25.38 8.00
N ASP F 23 -0.05 26.64 7.66
CA ASP F 23 1.30 27.21 7.71
C ASP F 23 1.66 27.49 9.16
N VAL F 24 2.06 26.43 9.87
CA VAL F 24 2.43 26.51 11.28
C VAL F 24 3.64 27.41 11.46
N GLY F 25 3.51 28.38 12.36
CA GLY F 25 4.62 29.27 12.69
C GLY F 25 4.88 30.43 11.72
N SER F 26 3.93 30.70 10.82
CA SER F 26 4.01 31.94 10.03
C SER F 26 3.70 33.10 10.95
N ASN F 27 4.78 33.62 11.56
CA ASN F 27 4.70 34.42 12.78
C ASN F 27 4.14 35.82 12.59
N VAL G 18 17.57 -4.32 28.10
CA VAL G 18 18.31 -5.52 27.59
C VAL G 18 17.43 -6.32 26.64
N PHE G 19 16.27 -6.75 27.14
CA PHE G 19 15.28 -7.50 26.35
C PHE G 19 14.15 -6.55 25.97
N PHE G 20 14.46 -5.68 25.02
CA PHE G 20 13.59 -4.59 24.58
C PHE G 20 12.43 -5.07 23.72
N ALA G 21 12.57 -6.24 23.11
CA ALA G 21 11.54 -6.81 22.24
C ALA G 21 10.86 -8.02 22.88
N GLU G 22 9.95 -8.64 22.13
CA GLU G 22 9.23 -9.85 22.54
C GLU G 22 8.22 -9.60 23.68
N ASP G 23 8.14 -10.51 24.64
CA ASP G 23 7.24 -10.37 25.79
C ASP G 23 7.83 -9.45 26.88
N VAL G 24 7.89 -8.16 26.56
CA VAL G 24 8.52 -7.15 27.41
C VAL G 24 7.83 -7.00 28.76
N GLY G 25 8.61 -7.08 29.84
CA GLY G 25 8.11 -6.83 31.19
C GLY G 25 7.74 -8.07 31.97
N SER G 26 8.31 -9.21 31.57
CA SER G 26 8.06 -10.48 32.24
C SER G 26 9.36 -11.17 32.61
N VAL H 18 29.13 -6.86 -17.76
CA VAL H 18 28.46 -6.35 -16.53
C VAL H 18 26.99 -6.79 -16.57
N PHE H 19 26.29 -6.34 -17.62
CA PHE H 19 24.90 -6.66 -17.83
C PHE H 19 24.83 -7.70 -18.95
N PHE H 20 25.06 -8.94 -18.55
CA PHE H 20 25.26 -10.08 -19.45
C PHE H 20 23.96 -10.80 -19.80
N ALA H 21 22.88 -10.44 -19.13
CA ALA H 21 21.57 -11.03 -19.39
C ALA H 21 20.57 -9.96 -19.79
N GLU H 22 19.30 -10.34 -19.91
CA GLU H 22 18.21 -9.44 -20.25
C GLU H 22 18.36 -8.86 -21.67
N ASP H 23 18.12 -7.56 -21.80
CA ASP H 23 18.28 -6.86 -23.07
C ASP H 23 19.76 -6.57 -23.35
N VAL H 24 20.54 -7.63 -23.59
CA VAL H 24 21.97 -7.56 -23.86
C VAL H 24 22.33 -6.63 -25.03
N GLY H 25 23.19 -5.65 -24.76
CA GLY H 25 23.69 -4.75 -25.80
C GLY H 25 22.94 -3.44 -25.99
N SER H 26 21.77 -3.32 -25.37
CA SER H 26 20.92 -2.15 -25.58
C SER H 26 21.41 -0.91 -24.83
#